data_1JV3
#
_entry.id   1JV3
#
_cell.length_a   85.735
_cell.length_b   70.769
_cell.length_c   95.384
_cell.angle_alpha   90.00
_cell.angle_beta   95.26
_cell.angle_gamma   90.00
#
_symmetry.space_group_name_H-M   'P 1 21 1'
#
loop_
_entity.id
_entity.type
_entity.pdbx_description
1 polymer 'GlcNAc1P uridyltransferase isoform 1: AGX1'
2 non-polymer URIDINE-DIPHOSPHATE-N-ACETYLGALACTOSAMINE
3 water water
#
_entity_poly.entity_id   1
_entity_poly.type   'polypeptide(L)'
_entity_poly.pdbx_seq_one_letter_code
;MNINDLKLTLSKAGQEHLLRFWNELEEAQQVELYAELQAMNFEELNFFFQKAIEGFNQSSHQKNVDARMEPVPREVLGSA
TRDQDQLQAWESEGLFQISQNKVAVLLLAGGQGTRLGVAYPKGMYDVGLPSRKTLFQIQAERILKLQQVAEKYYGNKCII
PWYIMTSGRTMESTKEFFTKHKYFGLKKENVIFFQQGMLPAMSFDGKIILEEKNKVSMAPDGNGGLYRALAAQNIVEDME
QRGIWSIHVYCVDNILVKVADPRFIGFCIQKGADCGAKVVEKTNPTEPVGVVCRVDGVYQVVEYSEISLATAQKRSSDGR
LLFNAGNIANHFFTVPFLRDVVNVYEPQLQHHVAQKKIPYVDTQGQLIKPDKPNGIKMEKFVFDIFQFAKKFVVYEVLRE
DEFSPLKNADSQNGKDNPTTARHALMSLHHCWVLNAGGHFIDENGSRLPAIPRLKDANDVPIQCEISPLISYAGEGLESY
VADKEFHAPLIIDENGVHELVKNGI
;
_entity_poly.pdbx_strand_id   A,B
#
loop_
_chem_comp.id
_chem_comp.type
_chem_comp.name
_chem_comp.formula
UD2 non-polymer URIDINE-DIPHOSPHATE-N-ACETYLGALACTOSAMINE 'C17 H27 N3 O17 P2'
#
# COMPACT_ATOMS: atom_id res chain seq x y z
N MET A 1 26.94 16.50 -48.43
CA MET A 1 27.40 15.30 -47.65
C MET A 1 26.71 14.06 -48.21
N ASN A 2 27.44 12.95 -48.25
CA ASN A 2 26.89 11.68 -48.75
C ASN A 2 27.23 10.54 -47.79
N ILE A 3 26.83 9.33 -48.17
CA ILE A 3 27.08 8.16 -47.34
C ILE A 3 28.58 7.95 -47.06
N ASN A 4 29.41 8.61 -47.86
CA ASN A 4 30.86 8.49 -47.69
C ASN A 4 31.37 9.31 -46.54
N ASP A 5 30.91 10.56 -46.47
CA ASP A 5 31.32 11.45 -45.39
C ASP A 5 30.75 10.93 -44.07
N LEU A 6 29.53 10.40 -44.11
CA LEU A 6 28.90 9.90 -42.90
C LEU A 6 29.72 8.73 -42.35
N LYS A 7 30.08 7.81 -43.22
CA LYS A 7 30.87 6.65 -42.84
C LYS A 7 32.13 7.10 -42.11
N LEU A 8 32.79 8.13 -42.66
CA LEU A 8 34.04 8.67 -42.07
C LEU A 8 33.79 9.23 -40.67
N THR A 9 32.76 10.06 -40.58
CA THR A 9 32.34 10.67 -39.31
C THR A 9 32.08 9.58 -38.27
N LEU A 10 31.36 8.55 -38.66
CA LEU A 10 31.05 7.46 -37.73
C LEU A 10 32.30 6.69 -37.36
N SER A 11 33.12 6.39 -38.36
CA SER A 11 34.36 5.65 -38.16
C SER A 11 35.28 6.38 -37.16
N LYS A 12 35.47 7.69 -37.32
CA LYS A 12 36.33 8.44 -36.42
C LYS A 12 35.79 8.46 -35.02
N ALA A 13 34.49 8.28 -34.87
CA ALA A 13 33.91 8.26 -33.54
C ALA A 13 33.78 6.83 -33.03
N GLY A 14 34.38 5.86 -33.73
CA GLY A 14 34.26 4.49 -33.28
C GLY A 14 32.85 3.90 -33.40
N GLN A 15 32.04 4.43 -34.31
CA GLN A 15 30.66 3.99 -34.47
C GLN A 15 30.32 3.47 -35.89
N GLU A 16 31.32 3.04 -36.66
CA GLU A 16 31.06 2.56 -38.02
C GLU A 16 30.14 1.34 -38.09
N HIS A 17 30.08 0.54 -37.02
CA HIS A 17 29.20 -0.63 -37.02
C HIS A 17 27.72 -0.23 -37.20
N LEU A 18 27.39 1.04 -37.04
CA LEU A 18 26.01 1.50 -37.22
C LEU A 18 25.53 1.35 -38.68
N LEU A 19 26.47 1.22 -39.61
CA LEU A 19 26.16 1.05 -41.03
C LEU A 19 26.37 -0.37 -41.51
N ARG A 20 26.65 -1.31 -40.62
CA ARG A 20 26.93 -2.66 -41.06
C ARG A 20 25.89 -3.37 -41.94
N PHE A 21 24.62 -3.03 -41.77
CA PHE A 21 23.50 -3.63 -42.52
C PHE A 21 23.08 -2.76 -43.70
N TRP A 22 23.78 -1.64 -43.89
CA TRP A 22 23.43 -0.71 -44.97
C TRP A 22 23.11 -1.35 -46.33
N ASN A 23 23.91 -2.30 -46.79
CA ASN A 23 23.66 -2.94 -48.08
C ASN A 23 22.48 -3.92 -48.09
N GLU A 24 21.94 -4.24 -46.91
CA GLU A 24 20.79 -5.15 -46.80
C GLU A 24 19.49 -4.39 -46.61
N LEU A 25 19.58 -3.08 -46.45
CA LEU A 25 18.39 -2.27 -46.19
C LEU A 25 17.64 -1.88 -47.46
N GLU A 26 16.33 -1.68 -47.36
CA GLU A 26 15.55 -1.28 -48.50
C GLU A 26 15.94 0.19 -48.70
N GLU A 27 15.72 0.76 -49.88
CA GLU A 27 16.09 2.14 -50.07
C GLU A 27 15.42 3.07 -49.05
N ALA A 28 14.17 2.80 -48.72
CA ALA A 28 13.44 3.64 -47.77
C ALA A 28 14.04 3.57 -46.36
N GLN A 29 14.56 2.41 -46.00
CA GLN A 29 15.16 2.24 -44.69
C GLN A 29 16.49 2.99 -44.66
N GLN A 30 17.22 2.97 -45.77
CA GLN A 30 18.47 3.69 -45.80
C GLN A 30 18.25 5.20 -45.62
N VAL A 31 17.17 5.71 -46.22
CA VAL A 31 16.83 7.14 -46.15
C VAL A 31 16.57 7.51 -44.69
N GLU A 32 15.78 6.68 -44.02
CA GLU A 32 15.43 6.86 -42.63
C GLU A 32 16.69 6.77 -41.75
N LEU A 33 17.48 5.69 -41.87
CA LEU A 33 18.70 5.50 -41.08
C LEU A 33 19.66 6.64 -41.29
N TYR A 34 19.88 6.97 -42.56
CA TYR A 34 20.80 8.05 -42.89
C TYR A 34 20.37 9.28 -42.12
N ALA A 35 19.12 9.70 -42.28
CA ALA A 35 18.63 10.90 -41.60
C ALA A 35 18.84 10.90 -40.09
N GLU A 36 18.52 9.79 -39.44
CA GLU A 36 18.69 9.69 -38.00
C GLU A 36 20.16 9.88 -37.59
N LEU A 37 21.08 9.25 -38.34
CA LEU A 37 22.52 9.35 -38.03
C LEU A 37 23.07 10.76 -38.23
N GLN A 38 22.55 11.47 -39.23
CA GLN A 38 23.01 12.81 -39.48
C GLN A 38 22.61 13.80 -38.39
N ALA A 39 21.52 13.51 -37.69
CA ALA A 39 21.06 14.40 -36.62
C ALA A 39 21.66 14.08 -35.26
N MET A 40 22.72 13.27 -35.22
CA MET A 40 23.33 12.90 -33.95
C MET A 40 24.70 13.56 -33.81
N ASN A 41 25.07 13.93 -32.59
CA ASN A 41 26.39 14.52 -32.34
C ASN A 41 27.22 13.40 -31.71
N PHE A 42 27.96 12.68 -32.54
CA PHE A 42 28.78 11.54 -32.09
C PHE A 42 29.91 11.86 -31.12
N GLU A 43 30.52 13.03 -31.26
CA GLU A 43 31.57 13.43 -30.35
C GLU A 43 30.97 13.65 -28.97
N GLU A 44 29.87 14.41 -28.91
CA GLU A 44 29.20 14.67 -27.65
C GLU A 44 28.75 13.37 -27.01
N LEU A 45 28.17 12.48 -27.80
CA LEU A 45 27.74 11.19 -27.28
C LEU A 45 28.93 10.45 -26.69
N ASN A 46 30.08 10.47 -27.35
CA ASN A 46 31.24 9.76 -26.82
C ASN A 46 31.66 10.39 -25.48
N PHE A 47 31.69 11.72 -25.45
CA PHE A 47 32.04 12.45 -24.24
C PHE A 47 31.11 12.04 -23.08
N PHE A 48 29.80 11.97 -23.36
CA PHE A 48 28.82 11.60 -22.35
C PHE A 48 29.07 10.18 -21.87
N PHE A 49 29.37 9.29 -22.79
CA PHE A 49 29.62 7.92 -22.39
C PHE A 49 30.86 7.84 -21.50
N GLN A 50 31.88 8.63 -21.81
CA GLN A 50 33.12 8.57 -21.04
C GLN A 50 32.91 9.00 -19.59
N LYS A 51 32.19 10.11 -19.38
CA LYS A 51 31.88 10.60 -18.04
C LYS A 51 31.02 9.59 -17.28
N ALA A 52 30.10 8.98 -17.99
CA ALA A 52 29.22 8.00 -17.38
C ALA A 52 30.03 6.82 -16.86
N ILE A 53 30.82 6.20 -17.72
CA ILE A 53 31.63 5.08 -17.28
C ILE A 53 32.61 5.51 -16.19
N GLU A 54 33.18 6.70 -16.31
CA GLU A 54 34.10 7.17 -15.30
C GLU A 54 33.39 7.30 -13.95
N GLY A 55 32.06 7.45 -14.00
CA GLY A 55 31.28 7.57 -12.79
C GLY A 55 30.88 6.22 -12.26
N PHE A 56 31.84 5.31 -12.12
CA PHE A 56 31.56 3.97 -11.62
C PHE A 56 32.65 3.57 -10.63
N ARG A 68 28.54 13.03 4.10
CA ARG A 68 27.37 12.17 4.10
C ARG A 68 26.06 12.96 4.14
N MET A 69 24.96 12.23 4.13
CA MET A 69 23.64 12.80 4.11
C MET A 69 23.16 13.27 5.48
N GLU A 70 22.38 14.34 5.48
CA GLU A 70 21.78 14.86 6.71
C GLU A 70 20.38 15.26 6.35
N PRO A 71 19.44 15.12 7.27
CA PRO A 71 18.05 15.52 6.97
C PRO A 71 18.02 17.03 6.73
N VAL A 72 16.97 17.55 6.09
CA VAL A 72 16.92 18.99 5.89
C VAL A 72 16.54 19.60 7.24
N PRO A 73 17.06 20.80 7.55
CA PRO A 73 16.74 21.45 8.83
C PRO A 73 15.24 21.84 8.89
N ARG A 74 14.66 21.84 10.09
CA ARG A 74 13.24 22.20 10.27
C ARG A 74 12.95 23.61 9.77
N GLU A 75 13.97 24.46 9.79
CA GLU A 75 13.81 25.83 9.35
C GLU A 75 13.38 25.95 7.88
N VAL A 76 13.64 24.93 7.05
CA VAL A 76 13.23 25.06 5.66
C VAL A 76 12.05 24.16 5.30
N LEU A 77 11.50 23.47 6.28
CA LEU A 77 10.39 22.56 6.04
C LEU A 77 9.04 22.97 6.58
N GLY A 78 8.09 23.19 5.66
CA GLY A 78 6.75 23.57 6.05
C GLY A 78 5.88 22.32 6.03
N SER A 79 4.84 22.28 6.85
CA SER A 79 3.99 21.11 6.92
C SER A 79 2.51 21.48 6.85
N ALA A 80 1.79 20.87 5.92
CA ALA A 80 0.36 21.14 5.79
C ALA A 80 -0.36 20.75 7.08
N THR A 81 0.15 19.73 7.75
CA THR A 81 -0.46 19.29 8.98
C THR A 81 -0.02 20.12 10.19
N ARG A 82 1.25 20.05 10.54
CA ARG A 82 1.77 20.81 11.68
C ARG A 82 1.57 22.34 11.60
N ASP A 83 1.72 22.92 10.41
CA ASP A 83 1.55 24.35 10.24
C ASP A 83 0.18 24.66 9.69
N GLN A 84 -0.84 23.95 10.19
CA GLN A 84 -2.19 24.18 9.71
C GLN A 84 -2.65 25.62 9.92
N ASP A 85 -2.14 26.27 10.96
CA ASP A 85 -2.53 27.65 11.22
C ASP A 85 -2.10 28.62 10.12
N GLN A 86 -1.20 28.19 9.24
CA GLN A 86 -0.78 29.08 8.15
C GLN A 86 -1.33 28.74 6.77
N LEU A 87 -2.10 27.65 6.66
CA LEU A 87 -2.62 27.26 5.34
C LEU A 87 -3.42 28.34 4.64
N GLN A 88 -4.31 28.98 5.38
CA GLN A 88 -5.15 30.02 4.83
C GLN A 88 -4.30 31.12 4.19
N ALA A 89 -3.29 31.56 4.93
CA ALA A 89 -2.42 32.63 4.41
C ALA A 89 -1.67 32.16 3.15
N TRP A 90 -1.14 30.95 3.17
CA TRP A 90 -0.43 30.45 2.00
C TRP A 90 -1.38 30.29 0.80
N GLU A 91 -2.59 29.82 1.05
CA GLU A 91 -3.54 29.63 -0.03
C GLU A 91 -3.89 30.96 -0.69
N SER A 92 -4.12 31.98 0.14
CA SER A 92 -4.47 33.32 -0.36
C SER A 92 -3.35 33.83 -1.25
N GLU A 93 -2.12 33.65 -0.80
CA GLU A 93 -0.99 34.11 -1.58
C GLU A 93 -0.98 33.39 -2.92
N GLY A 94 -1.17 32.07 -2.88
CA GLY A 94 -1.16 31.30 -4.11
C GLY A 94 -2.25 31.70 -5.09
N LEU A 95 -3.48 31.86 -4.59
CA LEU A 95 -4.59 32.25 -5.44
C LEU A 95 -4.38 33.63 -6.03
N PHE A 96 -3.77 34.50 -5.22
CA PHE A 96 -3.45 35.86 -5.63
C PHE A 96 -2.46 35.82 -6.80
N GLN A 97 -1.39 35.05 -6.66
CA GLN A 97 -0.42 34.95 -7.73
C GLN A 97 -1.08 34.45 -9.00
N ILE A 98 -2.00 33.50 -8.85
CA ILE A 98 -2.74 32.91 -9.98
C ILE A 98 -3.63 33.97 -10.64
N SER A 99 -4.34 34.76 -9.82
CA SER A 99 -5.22 35.81 -10.35
C SER A 99 -4.44 36.90 -11.07
N GLN A 100 -3.13 37.01 -10.77
CA GLN A 100 -2.29 38.01 -11.41
C GLN A 100 -1.63 37.46 -12.67
N ASN A 101 -1.98 36.23 -13.05
CA ASN A 101 -1.40 35.60 -14.22
C ASN A 101 0.12 35.40 -14.07
N LYS A 102 0.59 35.26 -12.84
CA LYS A 102 2.03 35.05 -12.61
C LYS A 102 2.39 33.57 -12.36
N VAL A 103 1.43 32.67 -12.59
CA VAL A 103 1.66 31.25 -12.37
C VAL A 103 1.47 30.30 -13.56
N ALA A 104 2.42 29.41 -13.76
CA ALA A 104 2.28 28.43 -14.85
C ALA A 104 2.58 27.03 -14.29
N VAL A 105 2.13 25.99 -14.98
CA VAL A 105 2.47 24.65 -14.53
C VAL A 105 3.23 24.01 -15.67
N LEU A 106 4.08 23.04 -15.34
CA LEU A 106 4.84 22.35 -16.37
C LEU A 106 4.79 20.85 -16.09
N LEU A 107 4.17 20.11 -16.99
CA LEU A 107 4.00 18.68 -16.87
C LEU A 107 5.07 17.84 -17.52
N LEU A 108 5.63 16.91 -16.77
CA LEU A 108 6.63 16.02 -17.36
C LEU A 108 5.87 14.83 -17.89
N ALA A 109 5.73 14.76 -19.20
CA ALA A 109 5.02 13.66 -19.83
C ALA A 109 5.84 13.06 -21.00
N GLY A 110 7.16 12.94 -20.81
CA GLY A 110 8.00 12.39 -21.85
C GLY A 110 8.33 10.92 -21.65
N GLY A 111 7.97 10.39 -20.47
CA GLY A 111 8.23 8.99 -20.16
C GLY A 111 7.51 8.03 -21.10
N GLN A 112 8.27 7.10 -21.68
CA GLN A 112 7.74 6.07 -22.60
C GLN A 112 7.90 4.67 -22.00
N GLY A 113 8.18 3.69 -22.85
CA GLY A 113 8.35 2.31 -22.41
C GLY A 113 7.29 1.87 -21.40
N THR A 114 6.04 1.68 -21.85
CA THR A 114 4.98 1.30 -20.91
C THR A 114 5.10 -0.05 -20.20
N ARG A 115 5.31 0.06 -18.90
CA ARG A 115 5.42 -1.08 -18.00
C ARG A 115 3.97 -1.42 -17.68
N LEU A 116 3.06 -0.51 -18.00
CA LEU A 116 1.66 -0.72 -17.75
C LEU A 116 1.06 -1.64 -18.80
N GLY A 117 1.86 -2.03 -19.79
CA GLY A 117 1.37 -2.91 -20.84
C GLY A 117 0.59 -2.24 -21.97
N VAL A 118 0.70 -0.92 -22.13
CA VAL A 118 -0.01 -0.23 -23.23
C VAL A 118 0.97 0.54 -24.08
N ALA A 119 0.52 1.04 -25.23
CA ALA A 119 1.48 1.74 -26.08
C ALA A 119 1.35 3.25 -26.03
N TYR A 120 0.30 3.74 -25.42
CA TYR A 120 0.12 5.19 -25.34
C TYR A 120 0.67 5.78 -24.03
N PRO A 121 0.82 7.12 -23.97
CA PRO A 121 1.34 7.73 -22.74
C PRO A 121 0.41 7.64 -21.53
N LYS A 122 1.02 7.62 -20.35
CA LYS A 122 0.28 7.55 -19.09
C LYS A 122 -0.81 8.58 -18.94
N GLY A 123 -0.57 9.81 -19.42
CA GLY A 123 -1.59 10.82 -19.29
C GLY A 123 -2.95 10.39 -19.86
N MET A 124 -2.92 9.45 -20.81
CA MET A 124 -4.15 8.99 -21.43
C MET A 124 -4.73 7.77 -20.77
N TYR A 125 -4.13 7.34 -19.67
CA TYR A 125 -4.64 6.16 -19.01
C TYR A 125 -5.91 6.45 -18.22
N ASP A 126 -6.83 5.49 -18.29
CA ASP A 126 -8.11 5.58 -17.60
C ASP A 126 -8.01 4.58 -16.45
N VAL A 127 -7.85 5.09 -15.23
CA VAL A 127 -7.69 4.18 -14.11
C VAL A 127 -8.95 3.48 -13.65
N GLY A 128 -10.07 3.76 -14.30
CA GLY A 128 -11.30 3.09 -13.93
C GLY A 128 -12.16 3.89 -12.99
N LEU A 129 -12.03 5.22 -13.05
CA LEU A 129 -12.88 6.07 -12.20
C LEU A 129 -14.32 5.99 -12.73
N PRO A 130 -15.30 6.26 -11.88
CA PRO A 130 -16.69 6.23 -12.34
C PRO A 130 -16.87 7.10 -13.58
N SER A 131 -16.21 8.25 -13.61
CA SER A 131 -16.31 9.16 -14.75
C SER A 131 -15.43 8.71 -15.93
N ARG A 132 -14.53 7.77 -15.66
CA ARG A 132 -13.61 7.27 -16.67
C ARG A 132 -12.64 8.33 -17.23
N LYS A 133 -12.53 9.48 -16.57
CA LYS A 133 -11.62 10.54 -17.04
C LYS A 133 -10.15 10.09 -17.01
N THR A 134 -9.35 10.57 -17.96
CA THR A 134 -7.94 10.22 -17.97
C THR A 134 -7.19 11.18 -17.04
N LEU A 135 -5.94 10.85 -16.73
CA LEU A 135 -5.13 11.69 -15.87
C LEU A 135 -5.06 13.08 -16.50
N PHE A 136 -4.90 13.13 -17.82
CA PHE A 136 -4.84 14.41 -18.54
C PHE A 136 -6.05 15.27 -18.25
N GLN A 137 -7.24 14.70 -18.39
CA GLN A 137 -8.44 15.49 -18.17
C GLN A 137 -8.59 15.95 -16.73
N ILE A 138 -8.29 15.05 -15.80
CA ILE A 138 -8.40 15.42 -14.40
C ILE A 138 -7.47 16.60 -14.11
N GLN A 139 -6.28 16.58 -14.70
CA GLN A 139 -5.31 17.66 -14.49
C GLN A 139 -5.81 18.99 -15.06
N ALA A 140 -6.36 18.90 -16.26
CA ALA A 140 -6.90 20.03 -16.99
C ALA A 140 -8.02 20.69 -16.18
N GLU A 141 -8.88 19.87 -15.57
CA GLU A 141 -9.99 20.40 -14.80
C GLU A 141 -9.55 21.04 -13.52
N ARG A 142 -8.42 20.59 -12.96
CA ARG A 142 -7.93 21.24 -11.75
C ARG A 142 -7.41 22.62 -12.12
N ILE A 143 -6.78 22.74 -13.27
CA ILE A 143 -6.27 24.05 -13.74
C ILE A 143 -7.48 24.98 -13.95
N LEU A 144 -8.47 24.49 -14.69
CA LEU A 144 -9.71 25.26 -14.94
C LEU A 144 -10.33 25.66 -13.60
N LYS A 145 -10.36 24.73 -12.65
CA LYS A 145 -10.95 25.03 -11.36
C LYS A 145 -10.31 26.24 -10.70
N LEU A 146 -8.98 26.22 -10.64
CA LEU A 146 -8.26 27.33 -10.01
C LEU A 146 -8.46 28.63 -10.76
N GLN A 147 -8.51 28.55 -12.09
CA GLN A 147 -8.73 29.78 -12.84
C GLN A 147 -10.06 30.37 -12.36
N GLN A 148 -11.08 29.51 -12.31
CA GLN A 148 -12.39 29.94 -11.82
C GLN A 148 -12.38 30.44 -10.37
N VAL A 149 -11.78 29.65 -9.48
CA VAL A 149 -11.77 30.07 -8.08
C VAL A 149 -11.07 31.40 -7.90
N ALA A 150 -9.97 31.58 -8.64
CA ALA A 150 -9.22 32.82 -8.55
C ALA A 150 -10.10 33.98 -9.05
N GLU A 151 -10.84 33.75 -10.13
CA GLU A 151 -11.67 34.79 -10.67
C GLU A 151 -12.78 35.23 -9.72
N LYS A 152 -13.27 34.33 -8.87
CA LYS A 152 -14.34 34.68 -7.93
C LYS A 152 -13.89 35.43 -6.69
N TYR A 153 -12.63 35.28 -6.30
CA TYR A 153 -12.13 35.98 -5.14
C TYR A 153 -11.36 37.23 -5.53
N TYR A 154 -11.22 37.47 -6.83
CA TYR A 154 -10.51 38.65 -7.30
C TYR A 154 -11.23 39.36 -8.43
N GLY A 155 -12.27 38.73 -8.97
CA GLY A 155 -13.07 39.36 -10.01
C GLY A 155 -12.55 39.32 -11.44
N ASN A 156 -11.24 39.18 -11.59
CA ASN A 156 -10.69 39.17 -12.94
C ASN A 156 -10.41 37.76 -13.48
N LYS A 157 -10.52 37.65 -14.79
CA LYS A 157 -10.27 36.40 -15.46
C LYS A 157 -8.76 36.22 -15.47
N CYS A 158 -8.29 35.00 -15.21
CA CYS A 158 -6.86 34.74 -15.17
C CYS A 158 -6.49 33.47 -15.90
N ILE A 159 -5.22 33.37 -16.27
CA ILE A 159 -4.73 32.23 -17.00
C ILE A 159 -3.56 31.55 -16.31
N ILE A 160 -3.53 30.22 -16.41
CA ILE A 160 -2.45 29.39 -15.87
C ILE A 160 -1.99 28.58 -17.07
N PRO A 161 -0.91 29.02 -17.72
CA PRO A 161 -0.37 28.34 -18.90
C PRO A 161 0.05 26.93 -18.53
N TRP A 162 -0.14 26.02 -19.47
CA TRP A 162 0.19 24.64 -19.25
C TRP A 162 1.26 24.16 -20.20
N TYR A 163 2.52 24.16 -19.73
CA TYR A 163 3.60 23.67 -20.58
C TYR A 163 3.64 22.15 -20.36
N ILE A 164 3.75 21.42 -21.46
CA ILE A 164 3.78 19.98 -21.40
C ILE A 164 5.00 19.46 -22.14
N MET A 165 5.88 18.76 -21.43
CA MET A 165 7.09 18.21 -22.05
C MET A 165 6.80 16.78 -22.50
N THR A 166 6.95 16.54 -23.79
CA THR A 166 6.72 15.24 -24.38
C THR A 166 8.07 14.76 -24.87
N SER A 167 8.13 13.53 -25.36
CA SER A 167 9.38 13.03 -25.89
C SER A 167 9.05 12.58 -27.31
N GLY A 168 10.06 12.11 -28.05
CA GLY A 168 9.81 11.68 -29.41
C GLY A 168 8.77 10.58 -29.45
N ARG A 169 8.68 9.79 -28.38
CA ARG A 169 7.70 8.71 -28.39
C ARG A 169 6.30 9.06 -27.86
N THR A 170 6.11 10.28 -27.34
CA THR A 170 4.79 10.65 -26.83
C THR A 170 4.19 11.91 -27.50
N MET A 171 5.03 12.67 -28.20
CA MET A 171 4.59 13.92 -28.82
C MET A 171 3.32 13.84 -29.67
N GLU A 172 3.39 13.07 -30.75
CA GLU A 172 2.28 12.91 -31.69
C GLU A 172 0.96 12.50 -31.05
N SER A 173 0.96 11.35 -30.38
CA SER A 173 -0.25 10.87 -29.74
C SER A 173 -0.83 11.87 -28.74
N THR A 174 0.04 12.53 -27.97
CA THR A 174 -0.40 13.51 -26.97
C THR A 174 -1.08 14.70 -27.64
N LYS A 175 -0.48 15.22 -28.71
CA LYS A 175 -1.05 16.36 -29.43
C LYS A 175 -2.42 16.04 -30.00
N GLU A 176 -2.56 14.86 -30.60
CA GLU A 176 -3.81 14.41 -31.20
C GLU A 176 -4.89 14.25 -30.11
N PHE A 177 -4.52 13.62 -29.01
CA PHE A 177 -5.44 13.40 -27.91
C PHE A 177 -6.03 14.72 -27.43
N PHE A 178 -5.17 15.70 -27.20
CA PHE A 178 -5.66 16.99 -26.74
C PHE A 178 -6.62 17.63 -27.77
N THR A 179 -6.18 17.67 -29.03
CA THR A 179 -7.00 18.24 -30.10
C THR A 179 -8.38 17.57 -30.11
N LYS A 180 -8.37 16.24 -30.05
CA LYS A 180 -9.58 15.44 -30.02
C LYS A 180 -10.46 15.84 -28.84
N HIS A 181 -9.87 16.26 -27.72
CA HIS A 181 -10.68 16.65 -26.57
C HIS A 181 -10.88 18.15 -26.43
N LYS A 182 -10.59 18.90 -27.48
CA LYS A 182 -10.78 20.34 -27.45
C LYS A 182 -10.09 20.96 -26.26
N TYR A 183 -8.91 20.43 -25.93
CA TYR A 183 -8.11 20.91 -24.80
C TYR A 183 -8.85 20.93 -23.45
N PHE A 184 -9.79 20.01 -23.31
CA PHE A 184 -10.57 19.85 -22.09
C PHE A 184 -11.24 21.11 -21.55
N GLY A 185 -11.41 22.11 -22.42
CA GLY A 185 -12.03 23.34 -21.99
C GLY A 185 -11.06 24.50 -21.84
N LEU A 186 -9.76 24.22 -21.96
CA LEU A 186 -8.75 25.27 -21.87
C LEU A 186 -8.51 25.82 -23.29
N LYS A 187 -7.83 26.95 -23.41
CA LYS A 187 -7.55 27.50 -24.73
C LYS A 187 -6.26 26.92 -25.30
N LYS A 188 -6.30 26.51 -26.55
CA LYS A 188 -5.18 25.93 -27.26
C LYS A 188 -3.91 26.79 -27.16
N GLU A 189 -4.10 28.11 -27.16
CA GLU A 189 -2.98 29.03 -27.08
C GLU A 189 -2.30 28.99 -25.73
N ASN A 190 -2.99 28.44 -24.73
CA ASN A 190 -2.45 28.39 -23.38
C ASN A 190 -1.93 27.01 -22.94
N VAL A 191 -1.68 26.16 -23.92
CA VAL A 191 -1.15 24.84 -23.69
C VAL A 191 0.01 24.75 -24.62
N ILE A 192 1.22 24.78 -24.08
CA ILE A 192 2.43 24.74 -24.92
C ILE A 192 3.19 23.40 -24.87
N PHE A 193 3.16 22.68 -25.96
CA PHE A 193 3.84 21.41 -26.04
C PHE A 193 5.28 21.66 -26.47
N PHE A 194 6.23 20.90 -25.91
CA PHE A 194 7.62 21.04 -26.32
C PHE A 194 8.28 19.69 -26.03
N GLN A 195 9.11 19.26 -26.97
CA GLN A 195 9.76 17.98 -26.93
C GLN A 195 11.15 17.95 -26.30
N GLN A 196 11.42 16.93 -25.48
CA GLN A 196 12.74 16.81 -24.87
C GLN A 196 13.63 15.99 -25.80
N GLY A 197 14.92 16.01 -25.54
CA GLY A 197 15.85 15.27 -26.38
C GLY A 197 15.88 13.77 -26.08
N MET A 198 16.70 13.06 -26.82
CA MET A 198 16.82 11.63 -26.65
C MET A 198 18.28 11.26 -26.74
N LEU A 199 18.62 10.11 -26.19
CA LEU A 199 19.97 9.59 -26.16
C LEU A 199 19.93 8.12 -26.54
N PRO A 200 20.99 7.67 -27.21
CA PRO A 200 21.08 6.26 -27.64
C PRO A 200 21.52 5.34 -26.52
N ALA A 201 21.05 4.09 -26.55
CA ALA A 201 21.50 3.13 -25.55
C ALA A 201 22.92 2.80 -26.07
N MET A 202 23.81 2.43 -25.16
CA MET A 202 25.19 2.13 -25.54
C MET A 202 25.61 0.92 -24.78
N SER A 203 26.38 0.05 -25.44
CA SER A 203 26.84 -1.18 -24.78
C SER A 203 28.04 -0.86 -23.88
N PHE A 204 28.44 -1.80 -23.04
CA PHE A 204 29.51 -1.53 -22.11
C PHE A 204 30.83 -1.15 -22.74
N ASP A 205 30.98 -1.46 -24.01
CA ASP A 205 32.20 -1.14 -24.71
C ASP A 205 32.18 0.24 -25.33
N GLY A 206 31.07 0.97 -25.21
CA GLY A 206 31.04 2.29 -25.81
C GLY A 206 30.36 2.39 -27.18
N LYS A 207 29.92 1.26 -27.74
CA LYS A 207 29.25 1.28 -29.05
C LYS A 207 27.72 1.55 -28.96
N ILE A 208 27.22 2.44 -29.81
CA ILE A 208 25.82 2.73 -29.84
C ILE A 208 25.07 1.46 -30.32
N ILE A 209 23.97 1.14 -29.66
CA ILE A 209 23.22 -0.06 -29.94
C ILE A 209 22.12 0.14 -30.98
N LEU A 210 22.11 -0.72 -32.01
CA LEU A 210 21.07 -0.66 -33.05
C LEU A 210 19.93 -1.54 -32.56
N GLU A 211 18.72 -1.02 -32.61
CA GLU A 211 17.53 -1.75 -32.20
C GLU A 211 17.09 -2.67 -33.35
N GLU A 212 17.13 -2.10 -34.56
CA GLU A 212 16.76 -2.80 -35.80
C GLU A 212 17.92 -2.51 -36.73
N LYS A 213 18.02 -3.23 -37.84
CA LYS A 213 19.09 -3.02 -38.81
C LYS A 213 19.16 -1.56 -39.27
N ASN A 214 18.02 -0.90 -39.31
CA ASN A 214 18.00 0.49 -39.75
C ASN A 214 17.54 1.44 -38.66
N LYS A 215 17.69 1.05 -37.40
CA LYS A 215 17.22 1.92 -36.34
C LYS A 215 18.05 1.85 -35.05
N VAL A 216 18.53 3.01 -34.63
CA VAL A 216 19.31 3.14 -33.40
C VAL A 216 18.41 3.06 -32.16
N SER A 217 18.78 2.23 -31.18
CA SER A 217 17.97 2.14 -29.96
C SER A 217 18.07 3.51 -29.25
N MET A 218 16.96 4.22 -29.14
CA MET A 218 16.93 5.54 -28.49
C MET A 218 15.95 5.55 -27.32
N ALA A 219 16.12 6.52 -26.41
CA ALA A 219 15.16 6.72 -25.30
C ALA A 219 15.30 8.16 -24.79
N PRO A 220 14.23 8.67 -24.18
CA PRO A 220 14.24 10.04 -23.65
C PRO A 220 15.43 10.19 -22.69
N ASP A 221 16.01 11.39 -22.66
CA ASP A 221 17.20 11.63 -21.81
C ASP A 221 16.97 11.88 -20.30
N GLY A 222 15.88 11.33 -19.74
CA GLY A 222 15.57 11.53 -18.32
C GLY A 222 14.76 12.80 -18.09
N ASN A 223 14.02 12.90 -16.98
CA ASN A 223 13.28 14.13 -16.78
C ASN A 223 14.14 15.35 -16.53
N GLY A 224 15.44 15.14 -16.28
CA GLY A 224 16.35 16.27 -16.12
C GLY A 224 16.65 16.85 -17.51
N GLY A 225 16.14 16.19 -18.54
CA GLY A 225 16.36 16.65 -19.90
C GLY A 225 15.49 17.84 -20.22
N LEU A 226 14.65 18.17 -19.25
CA LEU A 226 13.76 19.31 -19.31
C LEU A 226 14.54 20.60 -19.62
N TYR A 227 15.68 20.74 -18.96
CA TYR A 227 16.48 21.95 -19.09
C TYR A 227 17.03 22.19 -20.50
N ARG A 228 17.58 21.17 -21.16
CA ARG A 228 18.06 21.39 -22.51
C ARG A 228 16.87 21.52 -23.45
N ALA A 229 15.72 20.96 -23.09
CA ALA A 229 14.53 21.06 -23.95
C ALA A 229 14.02 22.50 -23.86
N LEU A 230 14.04 23.07 -22.67
CA LEU A 230 13.61 24.43 -22.45
C LEU A 230 14.45 25.39 -23.31
N ALA A 231 15.74 25.09 -23.40
CA ALA A 231 16.65 25.91 -24.17
C ALA A 231 16.39 25.75 -25.66
N ALA A 232 16.25 24.51 -26.10
CA ALA A 232 16.05 24.27 -27.50
C ALA A 232 14.76 24.85 -28.09
N GLN A 233 13.75 25.10 -27.24
CA GLN A 233 12.49 25.62 -27.75
C GLN A 233 12.11 26.96 -27.17
N ASN A 234 13.09 27.63 -26.58
CA ASN A 234 12.90 28.95 -26.02
C ASN A 234 11.75 29.09 -25.05
N ILE A 235 11.46 28.02 -24.31
CA ILE A 235 10.36 28.02 -23.35
C ILE A 235 10.46 29.10 -22.27
N VAL A 236 11.66 29.35 -21.76
CA VAL A 236 11.85 30.35 -20.72
C VAL A 236 11.51 31.73 -21.32
N GLU A 237 11.91 31.95 -22.58
CA GLU A 237 11.56 33.22 -23.23
C GLU A 237 10.03 33.33 -23.21
N ASP A 238 9.35 32.23 -23.55
CA ASP A 238 7.88 32.21 -23.56
C ASP A 238 7.30 32.58 -22.20
N MET A 239 7.90 32.05 -21.13
CA MET A 239 7.42 32.31 -19.78
C MET A 239 7.63 33.75 -19.40
N GLU A 240 8.76 34.31 -19.82
CA GLU A 240 9.10 35.69 -19.53
C GLU A 240 8.18 36.65 -20.29
N GLN A 241 7.89 36.33 -21.54
CA GLN A 241 7.01 37.14 -22.37
C GLN A 241 5.61 37.14 -21.75
N ARG A 242 5.14 35.97 -21.31
CA ARG A 242 3.81 35.89 -20.69
C ARG A 242 3.79 36.60 -19.35
N GLY A 243 4.96 36.84 -18.79
CA GLY A 243 5.03 37.50 -17.48
C GLY A 243 4.96 36.54 -16.29
N ILE A 244 5.27 35.26 -16.51
CA ILE A 244 5.21 34.26 -15.44
C ILE A 244 6.35 34.34 -14.43
N TRP A 245 6.02 34.21 -13.15
CA TRP A 245 7.08 34.25 -12.14
C TRP A 245 7.33 32.89 -11.50
N SER A 246 6.26 32.12 -11.33
CA SER A 246 6.33 30.81 -10.70
C SER A 246 5.90 29.64 -11.57
N ILE A 247 6.69 28.58 -11.51
CA ILE A 247 6.41 27.38 -12.27
C ILE A 247 6.28 26.16 -11.33
N HIS A 248 5.17 25.45 -11.47
CA HIS A 248 4.90 24.24 -10.71
C HIS A 248 5.19 23.08 -11.63
N VAL A 249 6.28 22.37 -11.38
CA VAL A 249 6.65 21.22 -12.21
C VAL A 249 6.10 19.97 -11.54
N TYR A 250 5.47 19.07 -12.30
CA TYR A 250 4.93 17.85 -11.71
C TYR A 250 4.93 16.64 -12.63
N CYS A 251 4.82 15.48 -12.00
CA CYS A 251 4.83 14.19 -12.65
C CYS A 251 3.42 13.80 -13.10
N VAL A 252 3.32 13.29 -14.32
CA VAL A 252 2.02 12.93 -14.91
C VAL A 252 1.22 11.81 -14.27
N ASP A 253 1.89 10.87 -13.58
CA ASP A 253 1.22 9.65 -13.09
C ASP A 253 0.45 9.57 -11.79
N ASN A 254 0.38 10.69 -11.08
CA ASN A 254 -0.26 10.79 -9.78
C ASN A 254 -1.70 11.32 -9.90
N ILE A 255 -2.68 10.42 -9.77
CA ILE A 255 -4.11 10.73 -9.91
C ILE A 255 -4.54 11.84 -8.93
N LEU A 256 -3.78 12.02 -7.85
CA LEU A 256 -4.13 13.00 -6.82
C LEU A 256 -3.38 14.32 -6.91
N VAL A 257 -2.54 14.50 -7.92
CA VAL A 257 -1.75 15.72 -7.98
C VAL A 257 -2.53 17.02 -8.01
N LYS A 258 -2.22 17.90 -7.06
CA LYS A 258 -2.84 19.21 -6.93
C LYS A 258 -2.11 20.15 -7.89
N VAL A 259 -2.51 20.09 -9.15
CA VAL A 259 -1.87 20.93 -10.15
C VAL A 259 -1.99 22.39 -9.73
N ALA A 260 -0.89 23.15 -9.85
CA ALA A 260 -0.87 24.56 -9.46
C ALA A 260 -1.41 24.80 -8.06
N ASP A 261 -1.20 23.84 -7.16
CA ASP A 261 -1.66 23.93 -5.77
C ASP A 261 -1.28 25.26 -5.16
N PRO A 262 -2.28 26.10 -4.90
CA PRO A 262 -2.04 27.42 -4.31
C PRO A 262 -1.38 27.40 -2.94
N ARG A 263 -1.63 26.35 -2.17
CA ARG A 263 -1.02 26.27 -0.84
C ARG A 263 0.49 26.09 -0.96
N PHE A 264 0.89 25.17 -1.83
CA PHE A 264 2.33 24.92 -2.04
C PHE A 264 3.00 26.16 -2.67
N ILE A 265 2.34 26.73 -3.67
CA ILE A 265 2.87 27.91 -4.32
C ILE A 265 2.96 29.08 -3.33
N GLY A 266 1.91 29.24 -2.52
CA GLY A 266 1.89 30.32 -1.54
C GLY A 266 2.98 30.20 -0.49
N PHE A 267 3.23 28.96 -0.06
CA PHE A 267 4.22 28.66 0.93
C PHE A 267 5.55 29.10 0.37
N CYS A 268 5.90 28.59 -0.81
CA CYS A 268 7.18 28.98 -1.40
C CYS A 268 7.35 30.50 -1.56
N ILE A 269 6.30 31.18 -2.00
CA ILE A 269 6.36 32.62 -2.20
C ILE A 269 6.62 33.33 -0.87
N GLN A 270 5.80 33.03 0.12
CA GLN A 270 5.92 33.63 1.45
C GLN A 270 7.31 33.44 2.07
N LYS A 271 7.97 32.35 1.71
CA LYS A 271 9.29 32.05 2.25
C LYS A 271 10.40 32.65 1.38
N GLY A 272 10.05 33.28 0.27
CA GLY A 272 11.06 33.88 -0.58
C GLY A 272 11.95 32.83 -1.25
N ALA A 273 11.38 31.67 -1.56
CA ALA A 273 12.16 30.62 -2.18
C ALA A 273 12.25 30.75 -3.68
N ASP A 274 13.33 30.24 -4.25
CA ASP A 274 13.40 30.22 -5.69
C ASP A 274 13.20 28.75 -6.13
N CYS A 275 13.21 27.85 -5.14
CA CYS A 275 13.07 26.43 -5.41
C CYS A 275 12.40 25.69 -4.25
N GLY A 276 11.40 24.86 -4.54
CA GLY A 276 10.72 24.10 -3.49
C GLY A 276 10.39 22.69 -3.89
N ALA A 277 10.32 21.80 -2.91
CA ALA A 277 9.99 20.42 -3.21
C ALA A 277 8.89 19.93 -2.31
N LYS A 278 7.85 19.36 -2.90
CA LYS A 278 6.75 18.83 -2.10
C LYS A 278 7.09 17.39 -1.74
N VAL A 279 6.85 16.99 -0.49
CA VAL A 279 7.16 15.62 -0.08
C VAL A 279 6.03 15.05 0.74
N VAL A 280 6.08 13.73 0.99
CA VAL A 280 5.10 13.09 1.86
C VAL A 280 6.02 12.29 2.79
N GLU A 281 5.55 11.97 3.97
CA GLU A 281 6.41 11.22 4.87
C GLU A 281 6.66 9.80 4.39
N LYS A 282 7.93 9.41 4.29
CA LYS A 282 8.31 8.07 3.87
C LYS A 282 8.34 7.26 5.18
N THR A 283 7.61 6.14 5.25
CA THR A 283 7.60 5.34 6.46
C THR A 283 8.19 3.95 6.27
N ASN A 284 8.02 3.40 5.07
CA ASN A 284 8.55 2.09 4.72
C ASN A 284 9.92 2.33 4.11
N PRO A 285 10.97 1.78 4.74
CA PRO A 285 12.35 1.92 4.28
C PRO A 285 12.60 1.66 2.80
N THR A 286 11.89 0.70 2.22
CA THR A 286 12.11 0.37 0.82
C THR A 286 11.13 1.00 -0.20
N GLU A 287 10.36 2.01 0.23
CA GLU A 287 9.46 2.65 -0.72
C GLU A 287 10.29 3.30 -1.85
N PRO A 288 9.89 3.10 -3.12
CA PRO A 288 10.65 3.69 -4.23
C PRO A 288 10.46 5.20 -4.47
N VAL A 289 10.88 6.02 -3.50
CA VAL A 289 10.83 7.48 -3.65
C VAL A 289 12.20 8.03 -3.29
N GLY A 290 12.67 9.01 -4.03
CA GLY A 290 13.94 9.61 -3.65
C GLY A 290 13.73 10.34 -2.32
N VAL A 291 14.80 10.63 -1.58
CA VAL A 291 14.63 11.34 -0.33
C VAL A 291 15.36 12.68 -0.42
N VAL A 292 14.68 13.72 0.04
CA VAL A 292 15.25 15.06 0.03
C VAL A 292 16.18 15.12 1.23
N CYS A 293 17.33 15.77 1.07
CA CYS A 293 18.29 15.87 2.18
C CYS A 293 19.37 16.88 1.79
N ARG A 294 20.42 16.97 2.58
CA ARG A 294 21.54 17.83 2.24
C ARG A 294 22.86 17.18 2.58
N VAL A 295 23.86 17.46 1.75
CA VAL A 295 25.21 16.96 1.95
C VAL A 295 26.13 18.16 1.71
N ASP A 296 26.99 18.45 2.70
CA ASP A 296 27.92 19.57 2.66
C ASP A 296 27.19 20.90 2.49
N GLY A 297 26.06 21.03 3.21
CA GLY A 297 25.27 22.23 3.17
C GLY A 297 24.46 22.44 1.91
N VAL A 298 24.62 21.53 0.95
CA VAL A 298 23.92 21.65 -0.35
C VAL A 298 22.69 20.72 -0.44
N TYR A 299 21.53 21.29 -0.78
CA TYR A 299 20.32 20.46 -0.88
C TYR A 299 20.25 19.59 -2.14
N GLN A 300 19.63 18.43 -1.95
CA GLN A 300 19.46 17.51 -3.03
C GLN A 300 18.51 16.37 -2.71
N VAL A 301 18.35 15.51 -3.70
CA VAL A 301 17.53 14.33 -3.55
C VAL A 301 18.46 13.17 -3.89
N VAL A 302 18.41 12.11 -3.09
CA VAL A 302 19.18 10.91 -3.36
C VAL A 302 18.08 9.95 -3.85
N GLU A 303 18.16 9.55 -5.12
CA GLU A 303 17.12 8.69 -5.69
C GLU A 303 17.02 7.36 -4.94
N TYR A 304 15.84 6.73 -4.96
CA TYR A 304 15.64 5.49 -4.21
C TYR A 304 16.59 4.37 -4.60
N SER A 305 16.99 4.37 -5.87
CA SER A 305 17.86 3.37 -6.40
C SER A 305 19.33 3.64 -6.12
N GLU A 306 19.64 4.73 -5.44
CA GLU A 306 21.03 5.04 -5.16
C GLU A 306 21.30 5.16 -3.69
N ILE A 307 20.33 4.80 -2.88
CA ILE A 307 20.48 4.85 -1.42
C ILE A 307 20.78 3.43 -0.91
N SER A 308 21.50 3.33 0.21
CA SER A 308 21.85 2.03 0.79
C SER A 308 20.75 1.59 1.75
N LEU A 309 20.63 0.30 2.03
CA LEU A 309 19.59 -0.13 2.96
C LEU A 309 19.82 0.44 4.38
N ALA A 310 21.08 0.42 4.84
CA ALA A 310 21.41 0.96 6.16
C ALA A 310 20.87 2.39 6.31
N THR A 311 21.12 3.22 5.28
CA THR A 311 20.65 4.61 5.27
C THR A 311 19.12 4.71 5.20
N ALA A 312 18.51 3.94 4.32
CA ALA A 312 17.08 3.96 4.18
C ALA A 312 16.33 3.52 5.44
N GLN A 313 16.93 2.59 6.19
CA GLN A 313 16.29 2.07 7.40
C GLN A 313 16.64 2.83 8.69
N LYS A 314 17.60 3.74 8.61
CA LYS A 314 18.03 4.53 9.76
C LYS A 314 16.83 5.27 10.40
N ARG A 315 16.68 5.14 11.72
CA ARG A 315 15.58 5.80 12.42
C ARG A 315 16.11 6.88 13.34
N SER A 316 15.29 7.88 13.61
CA SER A 316 15.67 8.96 14.53
C SER A 316 15.09 8.58 15.90
N SER A 317 15.45 9.31 16.95
CA SER A 317 14.97 9.01 18.31
C SER A 317 13.45 8.92 18.50
N ASP A 318 12.69 9.66 17.68
CA ASP A 318 11.23 9.66 17.76
C ASP A 318 10.62 8.42 17.10
N GLY A 319 11.44 7.62 16.44
CA GLY A 319 10.94 6.44 15.78
C GLY A 319 10.63 6.56 14.28
N ARG A 320 10.71 7.76 13.72
CA ARG A 320 10.46 7.93 12.30
C ARG A 320 11.76 7.65 11.59
N LEU A 321 11.69 7.42 10.28
CA LEU A 321 12.94 7.21 9.54
C LEU A 321 13.71 8.52 9.56
N LEU A 322 15.02 8.44 9.67
CA LEU A 322 15.84 9.65 9.68
C LEU A 322 15.61 10.37 8.35
N PHE A 323 15.58 9.62 7.25
CA PHE A 323 15.33 10.22 5.93
C PHE A 323 13.93 9.88 5.51
N ASN A 324 13.01 10.73 5.96
CA ASN A 324 11.59 10.57 5.71
C ASN A 324 10.92 11.62 4.80
N ALA A 325 11.72 12.44 4.13
CA ALA A 325 11.15 13.46 3.25
C ALA A 325 11.10 12.81 1.85
N GLY A 326 10.02 12.10 1.56
CA GLY A 326 9.87 11.39 0.30
C GLY A 326 9.45 12.26 -0.88
N ASN A 327 10.35 12.44 -1.86
CA ASN A 327 10.09 13.21 -3.08
C ASN A 327 8.87 12.71 -3.85
N ILE A 328 7.86 13.55 -4.06
CA ILE A 328 6.73 13.09 -4.87
C ILE A 328 6.76 13.78 -6.23
N ALA A 329 7.93 14.27 -6.63
CA ALA A 329 8.04 14.85 -7.95
C ALA A 329 7.10 16.00 -8.26
N ASN A 330 6.95 16.90 -7.29
CA ASN A 330 6.14 18.09 -7.42
C ASN A 330 7.09 19.17 -6.91
N HIS A 331 7.58 20.01 -7.82
CA HIS A 331 8.52 21.06 -7.48
C HIS A 331 8.07 22.45 -7.89
N PHE A 332 8.55 23.43 -7.14
CA PHE A 332 8.29 24.84 -7.40
C PHE A 332 9.62 25.48 -7.87
N PHE A 333 9.60 26.12 -9.04
CA PHE A 333 10.78 26.83 -9.57
C PHE A 333 10.35 28.22 -10.00
N THR A 334 11.14 29.25 -9.71
CA THR A 334 10.76 30.59 -10.20
C THR A 334 11.38 30.66 -11.58
N VAL A 335 10.87 31.58 -12.41
CA VAL A 335 11.38 31.70 -13.76
C VAL A 335 12.84 32.17 -13.82
N PRO A 336 13.21 33.14 -12.97
CA PRO A 336 14.60 33.60 -12.99
C PRO A 336 15.58 32.43 -12.68
N PHE A 337 15.20 31.57 -11.73
CA PHE A 337 16.04 30.42 -11.40
C PHE A 337 16.16 29.51 -12.63
N LEU A 338 15.05 29.24 -13.31
CA LEU A 338 15.12 28.40 -14.51
C LEU A 338 16.00 29.02 -15.57
N ARG A 339 15.95 30.34 -15.72
CA ARG A 339 16.80 30.97 -16.72
C ARG A 339 18.25 30.67 -16.43
N ASP A 340 18.65 30.86 -15.17
CA ASP A 340 20.01 30.58 -14.74
C ASP A 340 20.40 29.12 -14.98
N VAL A 341 19.46 28.21 -14.73
CA VAL A 341 19.73 26.81 -14.94
C VAL A 341 19.95 26.56 -16.42
N VAL A 342 19.04 27.04 -17.25
CA VAL A 342 19.14 26.83 -18.69
C VAL A 342 20.37 27.45 -19.35
N ASN A 343 20.79 28.61 -18.88
CA ASN A 343 21.91 29.28 -19.47
C ASN A 343 23.24 29.16 -18.70
N VAL A 344 23.25 28.42 -17.60
CA VAL A 344 24.47 28.29 -16.83
C VAL A 344 24.69 26.90 -16.24
N TYR A 345 23.84 26.51 -15.29
CA TYR A 345 24.02 25.23 -14.61
C TYR A 345 23.83 23.92 -15.38
N GLU A 346 22.88 23.87 -16.30
CA GLU A 346 22.58 22.65 -17.06
C GLU A 346 23.77 21.72 -17.32
N PRO A 347 24.86 22.24 -17.87
CA PRO A 347 26.01 21.37 -18.15
C PRO A 347 26.64 20.72 -16.91
N GLN A 348 26.36 21.26 -15.74
CA GLN A 348 26.91 20.67 -14.54
C GLN A 348 26.04 19.51 -14.04
N LEU A 349 24.91 19.27 -14.70
CA LEU A 349 24.02 18.17 -14.33
C LEU A 349 24.65 16.91 -14.90
N GLN A 350 24.80 15.88 -14.07
CA GLN A 350 25.45 14.64 -14.49
C GLN A 350 24.44 13.59 -14.91
N HIS A 351 24.87 12.67 -15.75
CA HIS A 351 23.99 11.60 -16.16
C HIS A 351 23.97 10.52 -15.07
N HIS A 352 22.79 9.99 -14.76
CA HIS A 352 22.66 8.90 -13.81
C HIS A 352 22.59 7.71 -14.75
N VAL A 353 23.34 6.67 -14.42
CA VAL A 353 23.42 5.51 -15.28
C VAL A 353 22.79 4.25 -14.80
N ALA A 354 21.96 3.66 -15.66
CA ALA A 354 21.35 2.41 -15.31
C ALA A 354 21.80 1.31 -16.30
N GLN A 355 22.06 0.14 -15.76
CA GLN A 355 22.46 -1.02 -16.55
C GLN A 355 21.20 -1.75 -16.94
N LYS A 356 20.89 -1.74 -18.24
CA LYS A 356 19.67 -2.36 -18.75
C LYS A 356 19.84 -3.52 -19.78
N LYS A 357 18.72 -4.20 -20.04
CA LYS A 357 18.68 -5.27 -21.04
C LYS A 357 18.05 -4.55 -22.23
N ILE A 358 18.88 -4.22 -23.20
CA ILE A 358 18.37 -3.50 -24.35
C ILE A 358 18.14 -4.40 -25.55
N PRO A 359 16.88 -4.54 -25.99
CA PRO A 359 16.62 -5.40 -27.16
C PRO A 359 17.43 -4.82 -28.31
N TYR A 360 18.03 -5.70 -29.10
CA TYR A 360 18.89 -5.26 -30.20
C TYR A 360 18.90 -6.27 -31.36
N VAL A 361 19.55 -5.87 -32.46
CA VAL A 361 19.70 -6.73 -33.61
C VAL A 361 21.16 -7.19 -33.57
N ASP A 362 21.41 -8.49 -33.62
CA ASP A 362 22.79 -8.99 -33.57
C ASP A 362 23.44 -8.95 -34.95
N THR A 363 24.71 -9.35 -35.02
CA THR A 363 25.48 -9.34 -36.28
C THR A 363 24.86 -10.24 -37.34
N GLN A 364 24.03 -11.18 -36.90
CA GLN A 364 23.37 -12.10 -37.80
C GLN A 364 22.07 -11.51 -38.31
N GLY A 365 21.75 -10.30 -37.85
CA GLY A 365 20.53 -9.64 -38.27
C GLY A 365 19.26 -10.08 -37.54
N GLN A 366 19.41 -10.79 -36.42
CA GLN A 366 18.22 -11.24 -35.70
C GLN A 366 17.93 -10.48 -34.40
N LEU A 367 16.67 -10.10 -34.23
CA LEU A 367 16.23 -9.38 -33.05
C LEU A 367 16.37 -10.26 -31.80
N ILE A 368 17.06 -9.74 -30.79
CA ILE A 368 17.28 -10.49 -29.56
C ILE A 368 16.89 -9.75 -28.28
N LYS A 369 16.36 -10.51 -27.31
CA LYS A 369 15.96 -9.98 -26.00
C LYS A 369 17.00 -10.57 -25.08
N PRO A 370 17.99 -9.76 -24.70
CA PRO A 370 19.09 -10.17 -23.82
C PRO A 370 18.71 -10.82 -22.49
N ASP A 371 19.41 -11.89 -22.14
CA ASP A 371 19.16 -12.59 -20.89
C ASP A 371 19.90 -11.85 -19.78
N LYS A 372 20.96 -11.14 -20.16
CA LYS A 372 21.78 -10.38 -19.23
C LYS A 372 21.86 -8.95 -19.71
N PRO A 373 22.01 -7.99 -18.78
CA PRO A 373 22.10 -6.56 -19.17
C PRO A 373 23.24 -6.43 -20.19
N ASN A 374 22.99 -5.71 -21.28
CA ASN A 374 24.01 -5.54 -22.31
C ASN A 374 24.38 -4.09 -22.57
N GLY A 375 23.90 -3.16 -21.76
CA GLY A 375 24.24 -1.77 -22.04
C GLY A 375 23.76 -0.78 -20.98
N ILE A 376 23.95 0.50 -21.25
CA ILE A 376 23.52 1.46 -20.27
C ILE A 376 22.58 2.46 -20.87
N LYS A 377 21.83 3.11 -19.99
CA LYS A 377 20.92 4.16 -20.37
C LYS A 377 21.33 5.36 -19.55
N MET A 378 21.55 6.48 -20.20
CA MET A 378 21.94 7.68 -19.49
C MET A 378 20.73 8.61 -19.33
N GLU A 379 20.60 9.21 -18.17
CA GLU A 379 19.52 10.16 -17.95
C GLU A 379 19.86 11.15 -16.85
N LYS A 380 19.38 12.38 -17.02
CA LYS A 380 19.56 13.42 -16.03
C LYS A 380 18.25 13.46 -15.25
N PHE A 381 18.30 13.94 -14.01
CA PHE A 381 17.14 14.01 -13.16
C PHE A 381 16.73 15.47 -12.94
N VAL A 382 15.44 15.72 -12.95
CA VAL A 382 14.93 17.05 -12.84
C VAL A 382 15.28 17.69 -11.48
N PHE A 383 15.43 16.89 -10.43
CA PHE A 383 15.75 17.49 -9.13
C PHE A 383 17.24 17.77 -8.88
N ASP A 384 18.09 17.44 -9.86
CA ASP A 384 19.50 17.72 -9.67
C ASP A 384 19.86 19.21 -9.71
N ILE A 385 18.86 20.07 -9.89
CA ILE A 385 19.17 21.49 -9.87
C ILE A 385 18.91 22.09 -8.49
N PHE A 386 18.38 21.29 -7.55
CA PHE A 386 18.11 21.82 -6.20
C PHE A 386 19.39 22.42 -5.62
N GLN A 387 20.51 21.75 -5.84
CA GLN A 387 21.79 22.17 -5.32
C GLN A 387 22.18 23.60 -5.72
N PHE A 388 21.64 24.08 -6.84
CA PHE A 388 21.97 25.40 -7.34
C PHE A 388 21.02 26.50 -6.91
N ALA A 389 19.99 26.14 -6.15
CA ALA A 389 19.00 27.11 -5.68
C ALA A 389 19.58 28.09 -4.67
N LYS A 390 19.11 29.32 -4.70
CA LYS A 390 19.58 30.33 -3.75
C LYS A 390 18.83 30.18 -2.45
N LYS A 391 17.59 29.71 -2.57
CA LYS A 391 16.76 29.51 -1.40
C LYS A 391 15.76 28.38 -1.63
N PHE A 392 16.12 27.21 -1.11
CA PHE A 392 15.37 25.96 -1.21
C PHE A 392 14.50 25.68 0.02
N VAL A 393 13.25 25.27 -0.20
CA VAL A 393 12.34 24.91 0.90
C VAL A 393 11.66 23.57 0.62
N VAL A 394 11.15 22.97 1.67
CA VAL A 394 10.47 21.71 1.58
C VAL A 394 9.06 21.84 2.14
N TYR A 395 8.11 21.20 1.46
CA TYR A 395 6.71 21.27 1.89
C TYR A 395 6.11 19.87 1.96
N GLU A 396 5.77 19.45 3.17
CA GLU A 396 5.23 18.11 3.40
C GLU A 396 3.71 18.09 3.49
N VAL A 397 3.11 17.15 2.75
CA VAL A 397 1.65 16.99 2.71
C VAL A 397 1.29 15.51 3.02
N LEU A 398 0.01 15.22 3.24
CA LEU A 398 -0.42 13.83 3.51
C LEU A 398 -0.60 13.06 2.22
N ARG A 399 -0.06 11.84 2.14
CA ARG A 399 -0.19 11.09 0.91
C ARG A 399 -1.61 10.73 0.49
N GLU A 400 -2.49 10.42 1.45
CA GLU A 400 -3.87 10.09 1.09
C GLU A 400 -4.59 11.27 0.39
N ASP A 401 -4.10 12.49 0.59
CA ASP A 401 -4.70 13.68 -0.01
C ASP A 401 -3.97 14.06 -1.29
N GLU A 402 -2.72 13.64 -1.42
CA GLU A 402 -1.89 14.12 -2.53
C GLU A 402 -0.99 13.22 -3.34
N PHE A 403 -0.84 11.97 -2.96
CA PHE A 403 0.10 11.13 -3.69
C PHE A 403 -0.29 9.67 -3.88
N SER A 404 -0.73 9.26 -5.07
CA SER A 404 -1.04 7.85 -5.30
C SER A 404 -0.63 7.62 -6.76
N PRO A 405 0.66 7.28 -6.98
CA PRO A 405 1.27 7.04 -8.29
C PRO A 405 0.89 5.78 -9.04
N LEU A 406 0.91 5.94 -10.36
CA LEU A 406 0.61 4.87 -11.26
C LEU A 406 1.92 4.50 -11.94
N LYS A 407 2.54 3.42 -11.47
CA LYS A 407 3.82 2.96 -12.01
C LYS A 407 3.77 1.51 -12.51
N ASN A 408 2.87 0.72 -11.96
CA ASN A 408 2.84 -0.71 -12.32
C ASN A 408 1.50 -1.18 -12.85
N ALA A 409 1.52 -2.28 -13.59
CA ALA A 409 0.28 -2.86 -14.08
C ALA A 409 -0.19 -3.62 -12.86
N ASP A 410 -1.49 -3.95 -12.82
CA ASP A 410 -2.10 -4.72 -11.72
C ASP A 410 -1.43 -6.09 -11.54
N SER A 411 -1.03 -6.72 -12.63
CA SER A 411 -0.42 -8.05 -12.54
C SER A 411 1.04 -8.08 -12.05
N GLN A 412 1.59 -6.94 -11.65
CA GLN A 412 2.98 -6.93 -11.20
C GLN A 412 3.22 -7.09 -9.71
N ASN A 413 3.91 -6.14 -9.06
CA ASN A 413 4.21 -6.25 -7.64
C ASN A 413 3.11 -5.95 -6.60
N GLY A 414 1.97 -5.44 -7.03
CA GLY A 414 0.87 -5.22 -6.09
C GLY A 414 0.63 -3.82 -5.56
N LYS A 415 1.41 -2.85 -6.00
CA LYS A 415 1.24 -1.48 -5.53
C LYS A 415 1.34 -0.46 -6.66
N ASP A 416 0.94 0.77 -6.35
CA ASP A 416 1.06 1.86 -7.31
C ASP A 416 0.62 1.46 -8.70
N ASN A 417 -0.60 0.92 -8.78
CA ASN A 417 -1.17 0.46 -10.05
C ASN A 417 -2.54 1.12 -10.29
N PRO A 418 -3.23 0.76 -11.38
CA PRO A 418 -4.55 1.40 -11.63
C PRO A 418 -5.53 1.18 -10.51
N THR A 419 -5.51 -0.02 -9.95
CA THR A 419 -6.44 -0.30 -8.87
C THR A 419 -6.21 0.56 -7.63
N THR A 420 -4.95 0.70 -7.21
CA THR A 420 -4.66 1.50 -6.03
C THR A 420 -4.94 2.97 -6.34
N ALA A 421 -4.70 3.37 -7.57
CA ALA A 421 -4.93 4.77 -7.94
C ALA A 421 -6.42 5.10 -7.89
N ARG A 422 -7.29 4.35 -8.58
CA ARG A 422 -8.69 4.75 -8.51
C ARG A 422 -9.27 4.67 -7.12
N HIS A 423 -8.83 3.69 -6.34
CA HIS A 423 -9.33 3.54 -4.98
C HIS A 423 -8.85 4.65 -4.06
N ALA A 424 -7.65 5.15 -4.30
CA ALA A 424 -7.14 6.24 -3.47
C ALA A 424 -7.97 7.51 -3.77
N LEU A 425 -8.29 7.74 -5.04
CA LEU A 425 -9.08 8.91 -5.40
C LEU A 425 -10.50 8.78 -4.80
N MET A 426 -11.18 7.68 -5.10
CA MET A 426 -12.52 7.48 -4.58
C MET A 426 -12.61 7.53 -3.05
N SER A 427 -11.61 6.97 -2.35
CA SER A 427 -11.61 7.01 -0.89
C SER A 427 -11.48 8.46 -0.42
N LEU A 428 -10.60 9.22 -1.09
CA LEU A 428 -10.43 10.64 -0.74
C LEU A 428 -11.75 11.39 -0.90
N HIS A 429 -12.37 11.27 -2.07
CA HIS A 429 -13.65 11.96 -2.33
C HIS A 429 -14.73 11.48 -1.36
N HIS A 430 -14.70 10.20 -1.02
CA HIS A 430 -15.64 9.65 -0.05
C HIS A 430 -15.41 10.46 1.23
N CYS A 431 -14.15 10.66 1.61
CA CYS A 431 -13.88 11.42 2.82
C CYS A 431 -14.35 12.87 2.71
N TRP A 432 -14.21 13.48 1.53
CA TRP A 432 -14.65 14.86 1.37
C TRP A 432 -16.13 15.03 1.72
N VAL A 433 -16.94 14.08 1.28
CA VAL A 433 -18.38 14.08 1.53
C VAL A 433 -18.67 13.95 3.03
N LEU A 434 -18.04 13.00 3.69
CA LEU A 434 -18.26 12.85 5.12
C LEU A 434 -17.83 14.11 5.89
N ASN A 435 -16.67 14.67 5.54
CA ASN A 435 -16.19 15.86 6.25
C ASN A 435 -17.07 17.10 5.98
N ALA A 436 -17.80 17.09 4.87
CA ALA A 436 -18.67 18.19 4.51
C ALA A 436 -20.05 17.98 5.12
N GLY A 437 -20.23 16.90 5.90
CA GLY A 437 -21.52 16.66 6.52
C GLY A 437 -22.44 15.61 5.90
N GLY A 438 -22.03 15.01 4.78
CA GLY A 438 -22.84 14.00 4.12
C GLY A 438 -22.64 12.58 4.64
N HIS A 439 -23.40 11.64 4.11
CA HIS A 439 -23.31 10.24 4.53
C HIS A 439 -23.63 9.32 3.38
N PHE A 440 -23.26 8.05 3.52
CA PHE A 440 -23.56 7.06 2.50
C PHE A 440 -24.47 6.03 3.11
N ILE A 441 -25.34 5.45 2.29
CA ILE A 441 -26.31 4.46 2.77
C ILE A 441 -26.43 3.27 1.83
N ASP A 442 -26.95 2.15 2.34
CA ASP A 442 -27.12 0.97 1.50
C ASP A 442 -28.45 1.06 0.78
N GLU A 443 -28.90 -0.10 0.29
CA GLU A 443 -30.15 -0.19 -0.47
C GLU A 443 -31.39 0.01 0.39
N ASN A 444 -31.26 -0.19 1.69
CA ASN A 444 -32.41 -0.02 2.57
C ASN A 444 -32.39 1.30 3.27
N GLY A 445 -31.46 2.18 2.90
CA GLY A 445 -31.38 3.46 3.57
C GLY A 445 -30.60 3.40 4.88
N SER A 446 -29.88 2.30 5.10
CA SER A 446 -29.07 2.19 6.33
C SER A 446 -27.75 2.92 6.13
N ARG A 447 -27.28 3.61 7.17
CA ARG A 447 -26.05 4.36 7.09
C ARG A 447 -24.80 3.47 7.08
N LEU A 448 -23.92 3.66 6.09
CA LEU A 448 -22.69 2.88 6.01
C LEU A 448 -21.62 3.54 6.88
N PRO A 449 -20.73 2.74 7.48
CA PRO A 449 -19.68 3.31 8.32
C PRO A 449 -18.60 3.95 7.45
N ALA A 450 -17.76 4.75 8.08
CA ALA A 450 -16.66 5.43 7.38
C ALA A 450 -15.68 4.43 6.77
N ILE A 451 -15.50 3.28 7.42
CA ILE A 451 -14.61 2.23 6.88
C ILE A 451 -15.46 0.97 6.76
N PRO A 452 -15.75 0.54 5.52
CA PRO A 452 -16.55 -0.61 5.13
C PRO A 452 -16.03 -1.91 5.61
N ARG A 453 -16.96 -2.78 5.97
CA ARG A 453 -16.63 -4.13 6.39
C ARG A 453 -16.65 -4.88 5.03
N LEU A 454 -15.50 -5.38 4.57
CA LEU A 454 -15.44 -6.10 3.28
C LEU A 454 -15.19 -7.57 3.59
N LYS A 455 -16.29 -8.30 3.80
CA LYS A 455 -16.19 -9.69 4.17
C LYS A 455 -16.59 -10.68 3.09
N ASP A 456 -17.52 -10.28 2.24
CA ASP A 456 -17.97 -11.17 1.18
C ASP A 456 -17.40 -10.78 -0.17
N ALA A 457 -17.44 -11.74 -1.09
CA ALA A 457 -16.93 -11.57 -2.43
C ALA A 457 -17.50 -10.36 -3.11
N ASN A 458 -18.78 -10.12 -2.93
CA ASN A 458 -19.41 -8.98 -3.59
C ASN A 458 -19.23 -7.62 -2.93
N ASP A 459 -18.77 -7.60 -1.67
CA ASP A 459 -18.54 -6.33 -0.96
C ASP A 459 -17.48 -5.50 -1.64
N VAL A 460 -17.77 -4.22 -1.79
CA VAL A 460 -16.83 -3.31 -2.40
C VAL A 460 -16.85 -2.00 -1.64
N PRO A 461 -15.75 -1.24 -1.74
CA PRO A 461 -15.70 0.05 -1.03
C PRO A 461 -16.63 1.10 -1.68
N ILE A 462 -16.93 2.16 -0.95
CA ILE A 462 -17.80 3.20 -1.48
C ILE A 462 -17.15 3.89 -2.68
N GLN A 463 -17.89 3.99 -3.77
CA GLN A 463 -17.36 4.65 -4.94
C GLN A 463 -17.91 6.06 -4.97
N CYS A 464 -17.01 7.03 -4.89
CA CYS A 464 -17.40 8.42 -4.91
C CYS A 464 -16.39 9.18 -5.77
N GLU A 465 -16.89 10.12 -6.57
CA GLU A 465 -16.00 10.92 -7.41
C GLU A 465 -16.54 12.32 -7.57
N ILE A 466 -15.71 13.30 -7.20
CA ILE A 466 -16.09 14.70 -7.32
C ILE A 466 -15.19 15.36 -8.37
N SER A 467 -15.83 15.99 -9.35
CA SER A 467 -15.14 16.70 -10.41
C SER A 467 -14.36 17.87 -9.83
N PRO A 468 -13.16 18.11 -10.35
CA PRO A 468 -12.35 19.23 -9.84
C PRO A 468 -13.12 20.57 -10.02
N LEU A 469 -13.94 20.65 -11.06
CA LEU A 469 -14.71 21.87 -11.27
C LEU A 469 -15.65 22.11 -10.10
N ILE A 470 -15.98 21.06 -9.35
CA ILE A 470 -16.87 21.24 -8.21
C ILE A 470 -16.08 21.45 -6.94
N SER A 471 -15.03 20.65 -6.76
CA SER A 471 -14.20 20.79 -5.58
C SER A 471 -12.74 20.50 -5.91
N TYR A 472 -11.86 21.42 -5.56
CA TYR A 472 -10.44 21.26 -5.81
C TYR A 472 -9.83 20.34 -4.73
N ALA A 473 -10.12 20.65 -3.48
CA ALA A 473 -9.55 19.89 -2.37
C ALA A 473 -10.50 19.65 -1.21
N GLY A 474 -11.77 19.38 -1.52
CA GLY A 474 -12.74 19.09 -0.47
C GLY A 474 -13.64 20.24 -0.09
N GLU A 475 -13.32 21.43 -0.58
CA GLU A 475 -14.14 22.60 -0.26
C GLU A 475 -15.39 22.74 -1.15
N GLY A 476 -16.34 23.55 -0.70
CA GLY A 476 -17.56 23.83 -1.47
C GLY A 476 -18.57 22.71 -1.68
N LEU A 477 -18.62 21.76 -0.76
CA LEU A 477 -19.56 20.66 -0.93
C LEU A 477 -20.74 20.68 0.05
N GLU A 478 -20.61 21.41 1.16
CA GLU A 478 -21.66 21.44 2.19
C GLU A 478 -23.07 21.64 1.63
N SER A 479 -23.22 22.51 0.66
CA SER A 479 -24.54 22.76 0.11
C SER A 479 -25.03 21.54 -0.68
N TYR A 480 -24.11 20.71 -1.18
CA TYR A 480 -24.55 19.53 -1.91
C TYR A 480 -24.82 18.33 -1.01
N VAL A 481 -24.06 18.18 0.05
CA VAL A 481 -24.18 16.97 0.86
C VAL A 481 -24.51 17.08 2.33
N ALA A 482 -24.44 18.27 2.90
CA ALA A 482 -24.69 18.39 4.33
C ALA A 482 -26.04 17.83 4.78
N ASP A 483 -26.00 16.94 5.78
CA ASP A 483 -27.19 16.31 6.36
C ASP A 483 -27.95 15.39 5.42
N LYS A 484 -27.37 15.12 4.25
CA LYS A 484 -27.99 14.24 3.26
C LYS A 484 -27.26 12.91 3.15
N GLU A 485 -27.95 11.89 2.66
CA GLU A 485 -27.39 10.56 2.49
C GLU A 485 -27.47 10.18 1.01
N PHE A 486 -26.50 9.39 0.55
CA PHE A 486 -26.42 8.98 -0.84
C PHE A 486 -26.11 7.53 -1.02
N HIS A 487 -26.62 6.98 -2.12
CA HIS A 487 -26.34 5.59 -2.51
C HIS A 487 -25.18 5.68 -3.50
N ALA A 488 -24.11 4.95 -3.24
CA ALA A 488 -22.95 4.95 -4.14
C ALA A 488 -23.26 4.00 -5.29
N PRO A 489 -22.61 4.16 -6.45
CA PRO A 489 -21.59 5.19 -6.74
C PRO A 489 -22.20 6.56 -6.84
N LEU A 490 -21.52 7.54 -6.25
CA LEU A 490 -21.95 8.93 -6.25
C LEU A 490 -20.96 9.78 -7.03
N ILE A 491 -21.49 10.60 -7.93
CA ILE A 491 -20.69 11.50 -8.72
C ILE A 491 -21.30 12.89 -8.60
N ILE A 492 -20.45 13.89 -8.39
CA ILE A 492 -20.92 15.25 -8.32
C ILE A 492 -20.06 16.03 -9.27
N ASP A 493 -20.68 16.51 -10.34
CA ASP A 493 -19.96 17.28 -11.36
C ASP A 493 -20.71 18.54 -11.78
N GLU A 494 -20.28 19.17 -12.86
CA GLU A 494 -20.92 20.39 -13.34
C GLU A 494 -22.39 20.16 -13.74
N ASN A 495 -22.78 18.91 -13.92
CA ASN A 495 -24.16 18.59 -14.27
C ASN A 495 -25.01 18.23 -13.04
N GLY A 496 -24.45 18.33 -11.84
CA GLY A 496 -25.23 18.02 -10.65
C GLY A 496 -24.79 16.81 -9.88
N VAL A 497 -25.69 16.33 -9.02
CA VAL A 497 -25.45 15.18 -8.19
C VAL A 497 -26.00 13.93 -8.86
N HIS A 498 -25.18 12.90 -9.02
CA HIS A 498 -25.69 11.69 -9.66
C HIS A 498 -25.36 10.42 -8.92
N GLU A 499 -26.38 9.64 -8.60
CA GLU A 499 -26.18 8.35 -7.95
C GLU A 499 -26.28 7.30 -9.08
N LEU A 500 -25.20 6.55 -9.30
CA LEU A 500 -25.14 5.55 -10.36
C LEU A 500 -25.84 4.26 -9.99
N VAL A 501 -26.43 3.61 -10.98
CA VAL A 501 -27.11 2.35 -10.72
C VAL A 501 -26.21 1.19 -11.13
N ASN B 4 -44.83 -32.96 19.02
CA ASN B 4 -44.82 -31.46 18.98
C ASN B 4 -44.12 -30.89 20.21
N ASP B 5 -43.11 -31.60 20.68
CA ASP B 5 -42.32 -31.16 21.84
C ASP B 5 -41.46 -29.98 21.41
N LEU B 6 -40.54 -30.25 20.49
CA LEU B 6 -39.66 -29.22 19.97
C LEU B 6 -40.46 -28.28 19.09
N LYS B 7 -41.58 -28.77 18.56
CA LYS B 7 -42.45 -27.97 17.70
C LYS B 7 -43.15 -26.90 18.55
N LEU B 8 -43.29 -27.18 19.84
CA LEU B 8 -43.93 -26.26 20.78
C LEU B 8 -42.88 -25.26 21.25
N THR B 9 -41.63 -25.70 21.22
CA THR B 9 -40.49 -24.88 21.61
C THR B 9 -40.44 -23.64 20.72
N LEU B 10 -40.42 -23.86 19.40
CA LEU B 10 -40.37 -22.78 18.45
C LEU B 10 -41.53 -21.82 18.66
N SER B 11 -42.63 -22.37 19.17
CA SER B 11 -43.84 -21.61 19.42
C SER B 11 -43.62 -20.58 20.53
N LYS B 12 -43.09 -21.04 21.66
CA LYS B 12 -42.84 -20.18 22.80
C LYS B 12 -41.61 -19.29 22.56
N ALA B 13 -41.26 -19.11 21.29
CA ALA B 13 -40.11 -18.30 20.90
C ALA B 13 -40.39 -17.57 19.60
N GLY B 14 -41.59 -17.77 19.06
CA GLY B 14 -41.95 -17.09 17.83
C GLY B 14 -41.10 -17.53 16.65
N GLN B 15 -40.47 -18.69 16.79
CA GLN B 15 -39.61 -19.25 15.74
C GLN B 15 -40.29 -20.43 15.06
N GLU B 16 -41.62 -20.48 15.10
CA GLU B 16 -42.36 -21.59 14.49
C GLU B 16 -42.04 -21.69 13.01
N HIS B 17 -42.02 -20.55 12.34
CA HIS B 17 -41.77 -20.47 10.90
C HIS B 17 -40.64 -21.36 10.40
N LEU B 18 -39.77 -21.83 11.30
CA LEU B 18 -38.67 -22.70 10.90
C LEU B 18 -39.14 -24.04 10.33
N LEU B 19 -40.19 -24.60 10.93
CA LEU B 19 -40.76 -25.88 10.49
C LEU B 19 -41.77 -25.68 9.35
N ARG B 20 -41.87 -24.45 8.85
CA ARG B 20 -42.80 -24.13 7.77
C ARG B 20 -42.65 -25.04 6.55
N PHE B 21 -41.53 -25.75 6.45
CA PHE B 21 -41.31 -26.66 5.33
C PHE B 21 -41.13 -28.10 5.81
N TRP B 22 -41.54 -28.39 7.04
CA TRP B 22 -41.40 -29.73 7.61
C TRP B 22 -42.21 -30.78 6.86
N ASN B 23 -43.32 -30.35 6.26
CA ASN B 23 -44.17 -31.26 5.51
C ASN B 23 -43.64 -31.50 4.10
N GLU B 24 -42.32 -31.62 3.98
CA GLU B 24 -41.69 -31.88 2.68
C GLU B 24 -40.41 -32.70 2.85
N GLN B 30 -35.75 -34.29 6.55
CA GLN B 30 -36.30 -33.79 7.81
C GLN B 30 -35.50 -34.34 8.98
N VAL B 31 -34.37 -34.96 8.67
CA VAL B 31 -33.49 -35.55 9.67
C VAL B 31 -32.51 -34.53 10.26
N GLU B 32 -31.61 -34.02 9.43
CA GLU B 32 -30.61 -33.04 9.85
C GLU B 32 -31.22 -31.70 10.28
N LEU B 33 -32.36 -31.36 9.71
CA LEU B 33 -33.05 -30.12 10.05
C LEU B 33 -33.54 -30.19 11.51
N TYR B 34 -33.53 -31.40 12.07
CA TYR B 34 -33.96 -31.63 13.43
C TYR B 34 -32.74 -31.61 14.35
N ALA B 35 -31.63 -32.17 13.85
CA ALA B 35 -30.38 -32.24 14.60
C ALA B 35 -29.79 -30.85 14.82
N GLU B 36 -30.01 -29.98 13.84
CA GLU B 36 -29.52 -28.61 13.89
C GLU B 36 -30.45 -27.73 14.72
N LEU B 37 -31.75 -28.01 14.63
CA LEU B 37 -32.75 -27.23 15.34
C LEU B 37 -32.73 -27.46 16.85
N GLN B 38 -32.63 -28.72 17.26
CA GLN B 38 -32.63 -29.05 18.68
C GLN B 38 -31.26 -28.84 19.33
N ALA B 39 -30.52 -27.87 18.81
CA ALA B 39 -29.18 -27.55 19.34
C ALA B 39 -29.06 -26.04 19.48
N MET B 40 -30.19 -25.36 19.29
CA MET B 40 -30.24 -23.91 19.36
C MET B 40 -31.10 -23.45 20.52
N ASN B 41 -30.49 -22.73 21.47
CA ASN B 41 -31.22 -22.21 22.62
C ASN B 41 -32.04 -21.01 22.15
N PHE B 42 -33.16 -21.28 21.49
CA PHE B 42 -34.03 -20.23 20.98
C PHE B 42 -34.33 -19.13 21.96
N GLU B 43 -34.34 -19.47 23.23
CA GLU B 43 -34.61 -18.49 24.27
C GLU B 43 -33.49 -17.46 24.28
N GLU B 44 -32.26 -17.98 24.33
CA GLU B 44 -31.06 -17.16 24.34
C GLU B 44 -30.93 -16.34 23.06
N LEU B 45 -31.17 -16.98 21.91
CA LEU B 45 -31.08 -16.30 20.62
C LEU B 45 -32.01 -15.08 20.51
N ASN B 46 -33.13 -15.10 21.22
CA ASN B 46 -34.04 -13.95 21.18
C ASN B 46 -33.45 -12.86 22.08
N PHE B 47 -32.82 -13.28 23.18
CA PHE B 47 -32.21 -12.33 24.10
C PHE B 47 -31.03 -11.63 23.43
N PHE B 48 -30.21 -12.39 22.72
CA PHE B 48 -29.06 -11.85 22.03
C PHE B 48 -29.49 -10.84 20.98
N PHE B 49 -30.43 -11.23 20.13
CA PHE B 49 -30.91 -10.36 19.07
C PHE B 49 -31.44 -9.04 19.60
N GLN B 50 -32.40 -9.11 20.52
CA GLN B 50 -32.99 -7.91 21.08
C GLN B 50 -31.92 -6.99 21.64
N LYS B 51 -31.05 -7.52 22.50
CA LYS B 51 -30.01 -6.70 23.09
C LYS B 51 -29.03 -6.16 22.05
N ALA B 52 -28.72 -7.00 21.05
CA ALA B 52 -27.80 -6.63 19.97
C ALA B 52 -28.35 -5.48 19.14
N ILE B 53 -29.66 -5.47 18.93
CA ILE B 53 -30.31 -4.42 18.16
C ILE B 53 -30.65 -3.23 19.07
N GLU B 54 -30.85 -3.52 20.36
CA GLU B 54 -31.20 -2.51 21.36
C GLU B 54 -30.44 -1.22 21.21
N GLY B 55 -31.17 -0.12 21.21
CA GLY B 55 -30.56 1.20 21.08
C GLY B 55 -29.94 1.47 19.71
N PHE B 56 -29.92 0.43 18.87
CA PHE B 56 -29.35 0.51 17.53
C PHE B 56 -27.88 0.91 17.60
N VAL B 65 -19.27 7.04 22.27
CA VAL B 65 -17.99 6.42 22.59
C VAL B 65 -16.84 7.23 22.00
N ASP B 66 -16.98 7.63 20.74
CA ASP B 66 -15.95 8.41 20.07
C ASP B 66 -15.55 9.62 20.89
N ALA B 67 -16.54 10.23 21.54
CA ALA B 67 -16.28 11.41 22.36
C ALA B 67 -15.46 11.09 23.61
N ARG B 68 -15.70 9.91 24.19
CA ARG B 68 -15.00 9.46 25.40
C ARG B 68 -13.68 8.73 25.15
N MET B 69 -13.32 8.53 23.89
CA MET B 69 -12.07 7.85 23.56
C MET B 69 -10.86 8.67 23.93
N GLU B 70 -9.83 8.00 24.44
CA GLU B 70 -8.57 8.62 24.81
C GLU B 70 -7.47 7.75 24.21
N PRO B 71 -6.36 8.38 23.79
CA PRO B 71 -5.24 7.63 23.20
C PRO B 71 -4.56 6.68 24.17
N VAL B 72 -3.74 5.78 23.63
CA VAL B 72 -3.00 4.85 24.45
C VAL B 72 -1.90 5.66 25.16
N PRO B 73 -1.87 5.65 26.49
CA PRO B 73 -0.85 6.39 27.25
C PRO B 73 0.55 5.78 27.14
N ARG B 74 1.58 6.62 27.16
CA ARG B 74 2.96 6.16 27.04
C ARG B 74 3.38 5.19 28.11
N GLU B 75 2.71 5.22 29.26
CA GLU B 75 3.08 4.33 30.36
C GLU B 75 2.84 2.85 30.05
N VAL B 76 1.85 2.56 29.24
CA VAL B 76 1.59 1.17 28.93
C VAL B 76 2.12 0.72 27.57
N LEU B 77 2.66 1.66 26.80
CA LEU B 77 3.17 1.37 25.46
C LEU B 77 4.66 1.07 25.32
N GLY B 78 4.96 -0.10 24.78
CA GLY B 78 6.35 -0.46 24.55
C GLY B 78 6.59 -0.45 23.05
N SER B 79 7.81 -0.15 22.61
CA SER B 79 8.13 -0.08 21.18
C SER B 79 9.37 -0.88 20.81
N ALA B 80 9.26 -1.74 19.81
CA ALA B 80 10.43 -2.52 19.42
C ALA B 80 11.52 -1.61 18.87
N THR B 81 11.11 -0.46 18.33
CA THR B 81 12.01 0.51 17.76
C THR B 81 12.61 1.42 18.83
N ARG B 82 11.75 2.17 19.51
CA ARG B 82 12.20 3.09 20.53
C ARG B 82 12.85 2.47 21.76
N ASP B 83 12.51 1.21 22.05
CA ASP B 83 13.07 0.50 23.21
C ASP B 83 13.94 -0.62 22.72
N GLN B 84 14.62 -0.37 21.61
CA GLN B 84 15.50 -1.34 21.03
C GLN B 84 16.55 -1.81 22.03
N ASP B 85 16.90 -0.95 22.99
CA ASP B 85 17.89 -1.31 23.99
C ASP B 85 17.42 -2.38 24.98
N GLN B 86 16.17 -2.83 24.86
CA GLN B 86 15.67 -3.84 25.78
C GLN B 86 15.23 -5.12 25.11
N LEU B 87 15.27 -5.12 23.79
CA LEU B 87 14.84 -6.30 23.07
C LEU B 87 15.60 -7.55 23.44
N GLN B 88 16.87 -7.40 23.81
CA GLN B 88 17.67 -8.56 24.18
C GLN B 88 17.12 -9.21 25.44
N ALA B 89 16.91 -8.39 26.47
CA ALA B 89 16.38 -8.85 27.75
C ALA B 89 14.99 -9.48 27.54
N TRP B 90 14.10 -8.79 26.83
CA TRP B 90 12.77 -9.34 26.58
C TRP B 90 12.85 -10.65 25.82
N GLU B 91 13.61 -10.66 24.72
CA GLU B 91 13.75 -11.89 23.93
C GLU B 91 14.25 -13.07 24.78
N SER B 92 15.17 -12.80 25.70
CA SER B 92 15.71 -13.85 26.56
C SER B 92 14.59 -14.40 27.44
N GLU B 93 13.85 -13.51 28.06
CA GLU B 93 12.72 -13.89 28.92
C GLU B 93 11.71 -14.75 28.14
N GLY B 94 11.39 -14.33 26.92
CA GLY B 94 10.44 -15.06 26.12
C GLY B 94 10.95 -16.43 25.76
N LEU B 95 12.23 -16.50 25.40
CA LEU B 95 12.85 -17.77 25.04
C LEU B 95 12.96 -18.65 26.28
N PHE B 96 13.18 -18.03 27.43
CA PHE B 96 13.30 -18.80 28.66
C PHE B 96 11.97 -19.46 28.94
N GLN B 97 10.89 -18.68 28.84
CA GLN B 97 9.55 -19.21 29.09
C GLN B 97 9.24 -20.38 28.18
N ILE B 98 9.66 -20.24 26.92
CA ILE B 98 9.45 -21.28 25.92
C ILE B 98 10.23 -22.56 26.29
N SER B 99 11.45 -22.39 26.80
CA SER B 99 12.29 -23.53 27.16
C SER B 99 11.67 -24.25 28.36
N GLN B 100 10.97 -23.49 29.21
CA GLN B 100 10.33 -24.06 30.38
C GLN B 100 8.97 -24.68 30.04
N ASN B 101 8.64 -24.76 28.76
CA ASN B 101 7.39 -25.36 28.36
C ASN B 101 6.17 -24.59 28.89
N LYS B 102 6.40 -23.35 29.29
CA LYS B 102 5.36 -22.49 29.83
C LYS B 102 4.71 -21.53 28.81
N VAL B 103 4.85 -21.84 27.53
CA VAL B 103 4.29 -21.00 26.46
C VAL B 103 3.44 -21.76 25.45
N ALA B 104 2.26 -21.25 25.15
CA ALA B 104 1.41 -21.88 24.13
C ALA B 104 0.85 -20.82 23.15
N VAL B 105 0.52 -21.24 21.94
CA VAL B 105 -0.06 -20.32 20.99
C VAL B 105 -1.45 -20.81 20.65
N LEU B 106 -2.34 -19.87 20.32
CA LEU B 106 -3.70 -20.19 19.95
C LEU B 106 -4.09 -19.46 18.66
N LEU B 107 -4.26 -20.22 17.60
CA LEU B 107 -4.63 -19.67 16.31
C LEU B 107 -6.14 -19.53 16.16
N LEU B 108 -6.58 -18.40 15.63
CA LEU B 108 -8.01 -18.21 15.41
C LEU B 108 -8.17 -18.58 13.95
N ALA B 109 -8.80 -19.74 13.70
CA ALA B 109 -8.97 -20.19 12.32
C ALA B 109 -10.39 -20.64 12.03
N GLY B 110 -11.35 -20.10 12.76
CA GLY B 110 -12.73 -20.49 12.53
C GLY B 110 -13.39 -19.68 11.43
N GLY B 111 -12.69 -18.65 10.96
CA GLY B 111 -13.25 -17.80 9.92
C GLY B 111 -13.31 -18.47 8.56
N GLN B 112 -14.34 -18.15 7.80
CA GLN B 112 -14.51 -18.74 6.48
C GLN B 112 -15.44 -17.85 5.69
N GLY B 113 -14.99 -17.41 4.52
CA GLY B 113 -15.80 -16.55 3.68
C GLY B 113 -15.61 -16.88 2.22
N THR B 114 -16.28 -16.11 1.37
CA THR B 114 -16.21 -16.30 -0.06
C THR B 114 -15.34 -15.22 -0.69
N ARG B 115 -14.73 -14.40 0.16
CA ARG B 115 -13.92 -13.29 -0.30
C ARG B 115 -12.72 -13.63 -1.19
N LEU B 116 -11.92 -14.61 -0.79
CA LEU B 116 -10.75 -14.98 -1.59
C LEU B 116 -11.09 -15.83 -2.81
N GLY B 117 -12.34 -16.29 -2.85
CA GLY B 117 -12.81 -17.08 -3.99
C GLY B 117 -12.45 -18.55 -3.93
N VAL B 118 -12.20 -19.05 -2.73
CA VAL B 118 -11.85 -20.45 -2.57
C VAL B 118 -12.82 -21.08 -1.60
N ALA B 119 -12.90 -22.40 -1.65
CA ALA B 119 -13.80 -23.17 -0.80
C ALA B 119 -13.08 -23.80 0.37
N TYR B 120 -11.91 -23.29 0.71
CA TYR B 120 -11.19 -23.84 1.84
C TYR B 120 -10.70 -22.71 2.74
N PRO B 121 -10.34 -23.03 3.99
CA PRO B 121 -9.85 -22.06 4.98
C PRO B 121 -8.53 -21.36 4.59
N LYS B 122 -8.45 -20.07 4.88
CA LYS B 122 -7.28 -19.26 4.55
C LYS B 122 -5.95 -19.89 4.88
N GLY B 123 -5.89 -20.61 6.00
CA GLY B 123 -4.66 -21.26 6.42
C GLY B 123 -4.02 -22.15 5.37
N MET B 124 -4.85 -22.64 4.45
CA MET B 124 -4.40 -23.51 3.38
C MET B 124 -4.01 -22.74 2.13
N TYR B 125 -4.17 -21.42 2.17
CA TYR B 125 -3.86 -20.57 1.03
C TYR B 125 -2.39 -20.53 0.69
N ASP B 126 -2.10 -20.55 -0.60
CA ASP B 126 -0.72 -20.51 -1.09
C ASP B 126 -0.61 -19.21 -1.88
N VAL B 127 0.02 -18.21 -1.27
CA VAL B 127 0.15 -16.90 -1.91
C VAL B 127 1.14 -16.80 -3.06
N GLY B 128 1.76 -17.92 -3.42
CA GLY B 128 2.70 -17.89 -4.52
C GLY B 128 4.16 -17.71 -4.13
N LEU B 129 4.49 -18.04 -2.89
CA LEU B 129 5.87 -17.91 -2.50
C LEU B 129 6.69 -18.89 -3.33
N PRO B 130 8.00 -18.63 -3.46
CA PRO B 130 8.88 -19.51 -4.24
C PRO B 130 8.72 -20.96 -3.75
N SER B 131 8.63 -21.15 -2.43
CA SER B 131 8.46 -22.47 -1.85
C SER B 131 7.04 -22.99 -1.96
N ARG B 132 6.09 -22.09 -2.21
CA ARG B 132 4.69 -22.46 -2.35
C ARG B 132 4.06 -22.88 -1.03
N LYS B 133 4.78 -22.71 0.08
CA LYS B 133 4.25 -23.09 1.38
C LYS B 133 2.97 -22.32 1.71
N THR B 134 2.07 -22.96 2.46
CA THR B 134 0.83 -22.30 2.85
C THR B 134 1.05 -21.60 4.18
N LEU B 135 0.10 -20.77 4.59
CA LEU B 135 0.21 -20.04 5.85
C LEU B 135 0.37 -21.01 7.03
N PHE B 136 -0.39 -22.11 7.03
CA PHE B 136 -0.27 -23.11 8.10
C PHE B 136 1.16 -23.65 8.22
N GLN B 137 1.77 -24.01 7.11
CA GLN B 137 3.11 -24.57 7.18
C GLN B 137 4.11 -23.54 7.69
N ILE B 138 4.03 -22.31 7.19
CA ILE B 138 4.94 -21.25 7.63
C ILE B 138 4.82 -21.05 9.13
N GLN B 139 3.59 -21.05 9.62
CA GLN B 139 3.37 -20.85 11.06
C GLN B 139 3.90 -22.03 11.85
N ALA B 140 3.71 -23.24 11.33
CA ALA B 140 4.19 -24.43 12.01
C ALA B 140 5.71 -24.43 12.08
N GLU B 141 6.36 -24.08 10.98
CA GLU B 141 7.81 -24.07 11.04
C GLU B 141 8.37 -23.02 11.98
N ARG B 142 7.62 -21.92 12.18
CA ARG B 142 8.10 -20.88 13.10
C ARG B 142 8.02 -21.43 14.52
N ILE B 143 7.02 -22.28 14.77
CA ILE B 143 6.88 -22.92 16.08
C ILE B 143 8.05 -23.89 16.24
N LEU B 144 8.28 -24.71 15.21
CA LEU B 144 9.37 -25.65 15.26
C LEU B 144 10.67 -24.91 15.53
N LYS B 145 10.86 -23.80 14.83
CA LYS B 145 12.08 -23.02 15.01
C LYS B 145 12.34 -22.57 16.44
N LEU B 146 11.35 -21.96 17.09
CA LEU B 146 11.54 -21.49 18.47
C LEU B 146 11.80 -22.66 19.43
N GLN B 147 11.29 -23.85 19.10
CA GLN B 147 11.56 -24.99 19.97
C GLN B 147 13.04 -25.33 19.81
N GLN B 148 13.47 -25.41 18.55
CA GLN B 148 14.87 -25.70 18.22
C GLN B 148 15.80 -24.66 18.83
N VAL B 149 15.46 -23.40 18.69
CA VAL B 149 16.28 -22.33 19.22
C VAL B 149 16.31 -22.35 20.75
N ALA B 150 15.18 -22.64 21.37
CA ALA B 150 15.10 -22.69 22.81
C ALA B 150 15.91 -23.88 23.36
N GLU B 151 15.82 -25.01 22.68
CA GLU B 151 16.54 -26.21 23.10
C GLU B 151 18.05 -25.98 23.13
N LYS B 152 18.56 -25.17 22.18
CA LYS B 152 19.98 -24.86 22.08
C LYS B 152 20.42 -23.77 23.05
N TYR B 153 19.52 -22.88 23.39
CA TYR B 153 19.87 -21.79 24.31
C TYR B 153 19.78 -22.21 25.78
N TYR B 154 19.03 -23.28 26.06
CA TYR B 154 18.89 -23.73 27.44
C TYR B 154 19.09 -25.24 27.60
N GLY B 155 19.49 -25.90 26.52
CA GLY B 155 19.73 -27.34 26.58
C GLY B 155 18.59 -28.20 27.10
N ASN B 156 17.53 -28.32 26.32
CA ASN B 156 16.38 -29.14 26.71
C ASN B 156 15.25 -29.08 25.70
N LYS B 157 14.78 -30.25 25.28
CA LYS B 157 13.71 -30.34 24.30
C LYS B 157 12.44 -29.80 24.93
N CYS B 158 11.97 -28.66 24.43
CA CYS B 158 10.75 -28.02 24.93
C CYS B 158 9.59 -28.13 23.94
N ILE B 159 8.40 -27.74 24.38
CA ILE B 159 7.22 -27.85 23.53
C ILE B 159 6.34 -26.60 23.61
N ILE B 160 5.74 -26.26 22.47
CA ILE B 160 4.83 -25.11 22.44
C ILE B 160 3.56 -25.65 21.83
N PRO B 161 2.57 -25.94 22.67
CA PRO B 161 1.31 -26.47 22.17
C PRO B 161 0.64 -25.46 21.25
N TRP B 162 -0.01 -25.99 20.21
CA TRP B 162 -0.67 -25.20 19.20
C TRP B 162 -2.17 -25.47 19.17
N TYR B 163 -2.92 -24.61 19.86
CA TYR B 163 -4.37 -24.71 19.88
C TYR B 163 -4.92 -23.99 18.65
N ILE B 164 -5.79 -24.66 17.91
CA ILE B 164 -6.33 -24.07 16.72
C ILE B 164 -7.85 -24.04 16.78
N MET B 165 -8.42 -22.83 16.86
CA MET B 165 -9.87 -22.70 16.89
C MET B 165 -10.41 -22.68 15.48
N THR B 166 -11.31 -23.61 15.20
CA THR B 166 -11.94 -23.71 13.88
C THR B 166 -13.43 -23.58 14.08
N SER B 167 -14.18 -23.59 12.97
CA SER B 167 -15.63 -23.55 13.02
C SER B 167 -16.12 -24.80 12.26
N GLY B 168 -17.42 -25.03 12.27
CA GLY B 168 -17.94 -26.19 11.57
C GLY B 168 -17.72 -26.02 10.09
N ARG B 169 -17.34 -24.81 9.69
CA ARG B 169 -17.10 -24.52 8.28
C ARG B 169 -15.63 -24.70 7.87
N THR B 170 -14.77 -24.95 8.84
CA THR B 170 -13.36 -25.13 8.52
C THR B 170 -12.77 -26.36 9.23
N MET B 171 -13.46 -26.83 10.27
CA MET B 171 -13.02 -27.97 11.07
C MET B 171 -12.44 -29.15 10.29
N GLU B 172 -13.26 -29.79 9.47
CA GLU B 172 -12.83 -30.96 8.71
C GLU B 172 -11.66 -30.72 7.75
N SER B 173 -11.78 -29.73 6.87
CA SER B 173 -10.70 -29.42 5.94
C SER B 173 -9.39 -29.25 6.72
N THR B 174 -9.43 -28.49 7.80
CA THR B 174 -8.23 -28.23 8.56
C THR B 174 -7.57 -29.50 9.04
N LYS B 175 -8.28 -30.27 9.85
CA LYS B 175 -7.79 -31.52 10.41
C LYS B 175 -7.16 -32.39 9.32
N GLU B 176 -7.88 -32.56 8.21
CA GLU B 176 -7.39 -33.36 7.09
C GLU B 176 -6.05 -32.85 6.59
N PHE B 177 -6.00 -31.54 6.31
CA PHE B 177 -4.80 -30.90 5.82
C PHE B 177 -3.61 -31.20 6.72
N PHE B 178 -3.77 -30.98 8.02
CA PHE B 178 -2.68 -31.24 8.95
C PHE B 178 -2.25 -32.71 8.90
N THR B 179 -3.22 -33.62 9.00
CA THR B 179 -2.91 -35.06 8.96
C THR B 179 -2.13 -35.36 7.67
N LYS B 180 -2.61 -34.81 6.57
CA LYS B 180 -1.98 -35.01 5.29
C LYS B 180 -0.49 -34.66 5.34
N HIS B 181 -0.16 -33.49 5.86
CA HIS B 181 1.22 -33.03 5.97
C HIS B 181 1.88 -33.51 7.25
N LYS B 182 1.33 -34.55 7.85
CA LYS B 182 1.86 -35.12 9.08
C LYS B 182 2.18 -34.05 10.12
N TYR B 183 1.30 -33.05 10.21
CA TYR B 183 1.46 -31.96 11.15
C TYR B 183 2.73 -31.15 10.90
N PHE B 184 3.13 -31.09 9.65
CA PHE B 184 4.31 -30.33 9.21
C PHE B 184 5.53 -30.56 10.08
N GLY B 185 5.62 -31.70 10.75
CA GLY B 185 6.79 -31.95 11.58
C GLY B 185 6.53 -31.80 13.07
N LEU B 186 5.40 -31.19 13.45
CA LEU B 186 5.07 -31.05 14.86
C LEU B 186 4.40 -32.33 15.35
N LYS B 187 4.29 -32.51 16.66
CA LYS B 187 3.66 -33.70 17.21
C LYS B 187 2.14 -33.54 17.35
N LYS B 188 1.42 -34.51 16.81
CA LYS B 188 -0.04 -34.52 16.83
C LYS B 188 -0.60 -34.16 18.21
N GLU B 189 -0.05 -34.79 19.24
CA GLU B 189 -0.52 -34.56 20.61
C GLU B 189 -0.34 -33.14 21.10
N ASN B 190 0.45 -32.35 20.39
CA ASN B 190 0.70 -30.98 20.77
C ASN B 190 -0.04 -29.93 19.97
N VAL B 191 -0.92 -30.40 19.10
CA VAL B 191 -1.72 -29.51 18.27
C VAL B 191 -3.15 -29.83 18.61
N ILE B 192 -3.78 -28.97 19.42
CA ILE B 192 -5.15 -29.19 19.85
C ILE B 192 -6.23 -28.38 19.15
N PHE B 193 -7.03 -29.06 18.32
CA PHE B 193 -8.14 -28.45 17.60
C PHE B 193 -9.37 -28.39 18.51
N PHE B 194 -10.16 -27.34 18.38
CA PHE B 194 -11.37 -27.19 19.17
C PHE B 194 -12.30 -26.23 18.42
N GLN B 195 -13.55 -26.65 18.24
CA GLN B 195 -14.56 -25.87 17.53
C GLN B 195 -15.18 -24.75 18.33
N GLN B 196 -15.56 -23.70 17.64
CA GLN B 196 -16.22 -22.53 18.25
C GLN B 196 -17.71 -22.60 17.94
N GLY B 197 -18.51 -22.05 18.84
CA GLY B 197 -19.95 -22.04 18.64
C GLY B 197 -20.31 -21.36 17.34
N MET B 198 -21.61 -21.37 17.04
CA MET B 198 -22.12 -20.76 15.81
C MET B 198 -23.40 -19.98 16.13
N LEU B 199 -23.79 -19.07 15.26
CA LEU B 199 -25.00 -18.28 15.50
C LEU B 199 -25.80 -18.18 14.24
N PRO B 200 -27.14 -18.09 14.37
CA PRO B 200 -28.04 -18.00 13.21
C PRO B 200 -28.22 -16.59 12.69
N ALA B 201 -28.50 -16.49 11.40
CA ALA B 201 -28.75 -15.21 10.80
C ALA B 201 -30.17 -14.88 11.22
N MET B 202 -30.53 -13.60 11.20
CA MET B 202 -31.85 -13.15 11.60
C MET B 202 -32.28 -11.95 10.79
N SER B 203 -33.58 -11.87 10.55
CA SER B 203 -34.15 -10.76 9.79
C SER B 203 -34.23 -9.59 10.76
N PHE B 204 -34.49 -8.40 10.23
CA PHE B 204 -34.56 -7.21 11.05
C PHE B 204 -35.67 -7.34 12.08
N ASP B 205 -36.70 -8.11 11.74
CA ASP B 205 -37.82 -8.31 12.65
C ASP B 205 -37.49 -9.32 13.74
N GLY B 206 -36.34 -10.00 13.59
CA GLY B 206 -35.93 -10.95 14.62
C GLY B 206 -36.26 -12.41 14.37
N LYS B 207 -36.51 -12.76 13.13
CA LYS B 207 -36.85 -14.15 12.83
C LYS B 207 -35.67 -14.89 12.23
N ILE B 208 -35.33 -16.03 12.82
CA ILE B 208 -34.23 -16.85 12.33
C ILE B 208 -34.46 -17.20 10.87
N ILE B 209 -33.53 -16.78 10.02
CA ILE B 209 -33.65 -17.03 8.59
C ILE B 209 -33.21 -18.44 8.18
N LEU B 210 -34.06 -19.12 7.41
CA LEU B 210 -33.73 -20.46 6.92
C LEU B 210 -33.03 -20.33 5.57
N GLU B 211 -31.85 -20.94 5.47
CA GLU B 211 -31.06 -20.90 4.24
C GLU B 211 -31.75 -21.81 3.22
N GLU B 212 -31.91 -23.08 3.59
CA GLU B 212 -32.56 -24.09 2.76
C GLU B 212 -33.89 -24.43 3.45
N LYS B 213 -34.83 -24.97 2.67
CA LYS B 213 -36.12 -25.36 3.22
C LYS B 213 -35.90 -26.31 4.41
N ASN B 214 -34.71 -26.89 4.48
CA ASN B 214 -34.37 -27.82 5.55
C ASN B 214 -33.08 -27.41 6.25
N LYS B 215 -32.65 -26.16 6.06
CA LYS B 215 -31.42 -25.69 6.69
C LYS B 215 -31.50 -24.25 7.22
N VAL B 216 -31.00 -24.06 8.43
CA VAL B 216 -30.99 -22.73 9.05
C VAL B 216 -29.67 -22.03 8.73
N SER B 217 -29.74 -20.82 8.19
CA SER B 217 -28.55 -20.04 7.85
C SER B 217 -27.70 -19.87 9.11
N MET B 218 -26.49 -20.41 9.09
CA MET B 218 -25.61 -20.31 10.25
C MET B 218 -24.21 -19.76 9.88
N ALA B 219 -23.51 -19.26 10.90
CA ALA B 219 -22.16 -18.74 10.73
C ALA B 219 -21.47 -18.68 12.08
N PRO B 220 -20.13 -18.78 12.09
CA PRO B 220 -19.39 -18.73 13.36
C PRO B 220 -19.72 -17.45 14.16
N ASP B 221 -19.70 -17.57 15.47
CA ASP B 221 -20.08 -16.46 16.33
C ASP B 221 -19.04 -15.37 16.63
N GLY B 222 -18.10 -15.16 15.73
CA GLY B 222 -17.06 -14.14 15.90
C GLY B 222 -15.85 -14.73 16.57
N ASN B 223 -14.67 -14.12 16.42
CA ASN B 223 -13.50 -14.68 17.09
C ASN B 223 -13.64 -14.51 18.60
N GLY B 224 -14.62 -13.69 19.00
CA GLY B 224 -14.88 -13.54 20.42
C GLY B 224 -15.60 -14.80 20.95
N GLY B 225 -16.06 -15.65 20.04
CA GLY B 225 -16.73 -16.88 20.46
C GLY B 225 -15.68 -17.80 21.03
N LEU B 226 -14.42 -17.38 20.94
CA LEU B 226 -13.32 -18.18 21.46
C LEU B 226 -13.55 -18.60 22.90
N TYR B 227 -14.03 -17.66 23.72
CA TYR B 227 -14.18 -17.92 25.14
C TYR B 227 -15.21 -19.01 25.47
N ARG B 228 -16.33 -19.03 24.76
CA ARG B 228 -17.30 -20.07 25.00
C ARG B 228 -16.72 -21.38 24.47
N ALA B 229 -15.97 -21.32 23.37
CA ALA B 229 -15.38 -22.52 22.79
C ALA B 229 -14.39 -23.12 23.77
N LEU B 230 -13.69 -22.26 24.50
CA LEU B 230 -12.72 -22.74 25.46
C LEU B 230 -13.42 -23.53 26.56
N ALA B 231 -14.56 -23.03 27.00
CA ALA B 231 -15.32 -23.71 28.05
C ALA B 231 -15.80 -25.08 27.55
N ALA B 232 -16.52 -25.07 26.42
CA ALA B 232 -17.06 -26.27 25.81
C ALA B 232 -16.11 -27.47 25.80
N GLN B 233 -14.89 -27.27 25.32
CA GLN B 233 -13.97 -28.37 25.26
C GLN B 233 -12.88 -28.32 26.33
N ASN B 234 -13.20 -27.71 27.46
CA ASN B 234 -12.25 -27.64 28.57
C ASN B 234 -10.83 -27.35 28.07
N ILE B 235 -10.66 -26.31 27.26
CA ILE B 235 -9.36 -25.95 26.72
C ILE B 235 -8.46 -25.37 27.82
N VAL B 236 -9.04 -24.54 28.68
CA VAL B 236 -8.26 -23.96 29.76
C VAL B 236 -7.70 -25.04 30.69
N GLU B 237 -8.50 -26.04 31.04
CA GLU B 237 -8.02 -27.09 31.94
C GLU B 237 -6.77 -27.73 31.33
N ASP B 238 -6.85 -28.08 30.05
CA ASP B 238 -5.72 -28.65 29.33
C ASP B 238 -4.50 -27.73 29.45
N MET B 239 -4.69 -26.44 29.28
CA MET B 239 -3.56 -25.53 29.37
C MET B 239 -2.89 -25.63 30.74
N GLU B 240 -3.70 -25.71 31.79
CA GLU B 240 -3.16 -25.82 33.15
C GLU B 240 -2.56 -27.21 33.38
N GLN B 241 -3.11 -28.20 32.69
CA GLN B 241 -2.65 -29.58 32.77
C GLN B 241 -1.25 -29.73 32.15
N ARG B 242 -0.87 -28.75 31.31
CA ARG B 242 0.45 -28.74 30.65
C ARG B 242 1.40 -27.79 31.34
N GLY B 243 0.87 -27.02 32.28
CA GLY B 243 1.70 -26.06 33.01
C GLY B 243 1.92 -24.75 32.26
N ILE B 244 1.18 -24.55 31.18
CA ILE B 244 1.30 -23.32 30.39
C ILE B 244 0.95 -22.08 31.20
N TRP B 245 1.76 -21.04 31.06
CA TRP B 245 1.50 -19.81 31.79
C TRP B 245 1.06 -18.69 30.85
N SER B 246 1.62 -18.67 29.64
CA SER B 246 1.30 -17.63 28.68
C SER B 246 0.72 -18.16 27.39
N ILE B 247 -0.30 -17.47 26.88
CA ILE B 247 -0.94 -17.84 25.62
C ILE B 247 -0.80 -16.68 24.60
N HIS B 248 -0.40 -17.00 23.38
CA HIS B 248 -0.27 -16.01 22.31
C HIS B 248 -1.40 -16.27 21.32
N VAL B 249 -2.38 -15.38 21.26
CA VAL B 249 -3.50 -15.52 20.34
C VAL B 249 -3.21 -14.72 19.08
N TYR B 250 -3.51 -15.28 17.90
CA TYR B 250 -3.21 -14.55 16.69
C TYR B 250 -4.08 -14.92 15.52
N CYS B 251 -4.19 -14.00 14.57
CA CYS B 251 -4.98 -14.16 13.35
C CYS B 251 -4.19 -15.00 12.36
N VAL B 252 -4.90 -15.86 11.62
CA VAL B 252 -4.30 -16.77 10.66
C VAL B 252 -3.83 -16.14 9.34
N ASP B 253 -4.47 -15.05 8.91
CA ASP B 253 -4.19 -14.43 7.62
C ASP B 253 -2.94 -13.58 7.37
N ASN B 254 -2.14 -13.35 8.41
CA ASN B 254 -0.93 -12.52 8.29
C ASN B 254 0.34 -13.35 8.07
N ILE B 255 0.81 -13.33 6.83
CA ILE B 255 1.98 -14.09 6.46
C ILE B 255 3.26 -13.78 7.22
N LEU B 256 3.35 -12.59 7.82
CA LEU B 256 4.54 -12.22 8.56
C LEU B 256 4.41 -12.50 10.09
N VAL B 257 3.27 -13.01 10.53
CA VAL B 257 3.04 -13.23 11.97
C VAL B 257 4.14 -13.98 12.72
N LYS B 258 4.68 -13.36 13.77
CA LYS B 258 5.71 -13.97 14.57
C LYS B 258 5.08 -14.85 15.65
N VAL B 259 4.67 -16.05 15.27
CA VAL B 259 4.04 -17.01 16.19
C VAL B 259 4.93 -17.22 17.44
N ALA B 260 4.35 -17.12 18.63
CA ALA B 260 5.09 -17.30 19.89
C ALA B 260 6.29 -16.38 20.00
N ASP B 261 6.16 -15.20 19.41
CA ASP B 261 7.21 -14.19 19.42
C ASP B 261 7.79 -13.94 20.81
N PRO B 262 9.01 -14.44 21.06
CA PRO B 262 9.68 -14.27 22.35
C PRO B 262 9.83 -12.84 22.80
N ARG B 263 9.95 -11.91 21.86
CA ARG B 263 10.11 -10.53 22.27
C ARG B 263 8.82 -9.98 22.82
N PHE B 264 7.69 -10.25 22.15
CA PHE B 264 6.41 -9.74 22.63
C PHE B 264 6.07 -10.43 23.94
N ILE B 265 6.26 -11.75 24.00
CA ILE B 265 5.98 -12.47 25.23
C ILE B 265 6.89 -12.00 26.35
N GLY B 266 8.19 -11.86 26.07
CA GLY B 266 9.09 -11.42 27.11
C GLY B 266 8.71 -10.05 27.66
N PHE B 267 8.27 -9.16 26.78
CA PHE B 267 7.87 -7.80 27.15
C PHE B 267 6.68 -7.82 28.12
N CYS B 268 5.67 -8.64 27.79
CA CYS B 268 4.51 -8.73 28.63
C CYS B 268 4.92 -9.37 29.97
N ILE B 269 5.60 -10.51 29.91
CA ILE B 269 6.04 -11.15 31.13
C ILE B 269 6.79 -10.12 31.98
N GLN B 270 7.92 -9.64 31.45
CA GLN B 270 8.77 -8.67 32.13
C GLN B 270 8.01 -7.47 32.72
N LYS B 271 6.89 -7.11 32.10
CA LYS B 271 6.09 -5.99 32.56
C LYS B 271 5.03 -6.49 33.56
N GLY B 272 4.98 -7.79 33.76
CA GLY B 272 4.00 -8.35 34.69
C GLY B 272 2.59 -8.02 34.25
N ALA B 273 2.27 -8.35 33.00
CA ALA B 273 0.92 -8.10 32.49
C ALA B 273 0.12 -9.38 32.39
N ASP B 274 -1.20 -9.28 32.34
CA ASP B 274 -2.00 -10.48 32.18
C ASP B 274 -2.69 -10.41 30.81
N CYS B 275 -2.54 -9.26 30.15
CA CYS B 275 -3.13 -9.01 28.85
C CYS B 275 -2.27 -8.02 28.04
N GLY B 276 -2.00 -8.36 26.79
CA GLY B 276 -1.21 -7.49 25.93
C GLY B 276 -1.67 -7.47 24.47
N ALA B 277 -1.47 -6.35 23.79
CA ALA B 277 -1.88 -6.27 22.40
C ALA B 277 -0.74 -5.78 21.53
N LYS B 278 -0.34 -6.59 20.56
CA LYS B 278 0.72 -6.15 19.67
C LYS B 278 0.03 -5.23 18.63
N VAL B 279 0.67 -4.11 18.29
CA VAL B 279 0.11 -3.18 17.33
C VAL B 279 1.18 -2.65 16.38
N VAL B 280 0.70 -2.02 15.29
CA VAL B 280 1.59 -1.33 14.34
C VAL B 280 1.04 0.09 14.24
N GLU B 281 1.88 1.01 13.81
CA GLU B 281 1.47 2.40 13.67
C GLU B 281 0.51 2.59 12.50
N LYS B 282 -0.68 3.08 12.80
CA LYS B 282 -1.69 3.36 11.79
C LYS B 282 -1.37 4.78 11.34
N THR B 283 -1.13 4.92 10.05
CA THR B 283 -0.79 6.22 9.48
C THR B 283 -1.91 6.71 8.54
N ASN B 284 -2.66 5.78 7.95
CA ASN B 284 -3.76 6.16 7.06
C ASN B 284 -5.07 6.09 7.85
N PRO B 285 -5.78 7.23 8.00
CA PRO B 285 -7.04 7.27 8.73
C PRO B 285 -8.08 6.20 8.39
N THR B 286 -8.19 5.82 7.12
CA THR B 286 -9.20 4.82 6.77
C THR B 286 -8.68 3.39 6.65
N GLU B 287 -7.52 3.10 7.25
CA GLU B 287 -7.00 1.73 7.18
C GLU B 287 -7.95 0.82 7.98
N PRO B 288 -8.33 -0.34 7.42
CA PRO B 288 -9.25 -1.22 8.19
C PRO B 288 -8.61 -2.01 9.36
N VAL B 289 -8.06 -1.32 10.36
CA VAL B 289 -7.54 -2.01 11.54
C VAL B 289 -8.21 -1.36 12.72
N GLY B 290 -8.51 -2.16 13.75
CA GLY B 290 -9.12 -1.56 14.93
C GLY B 290 -8.06 -0.76 15.65
N VAL B 291 -8.46 0.23 16.45
CA VAL B 291 -7.50 1.02 17.19
C VAL B 291 -7.63 0.79 18.68
N VAL B 292 -6.49 0.53 19.31
CA VAL B 292 -6.42 0.31 20.74
C VAL B 292 -6.56 1.70 21.35
N CYS B 293 -7.35 1.78 22.40
CA CYS B 293 -7.58 3.06 23.06
C CYS B 293 -8.14 2.80 24.47
N ARG B 294 -8.43 3.90 25.18
CA ARG B 294 -8.96 3.81 26.52
C ARG B 294 -10.27 4.58 26.58
N VAL B 295 -11.29 3.96 27.19
CA VAL B 295 -12.61 4.56 27.32
C VAL B 295 -13.07 4.43 28.78
N ASP B 296 -13.26 5.57 29.45
CA ASP B 296 -13.68 5.62 30.87
C ASP B 296 -12.77 4.81 31.77
N GLY B 297 -11.47 4.87 31.51
CA GLY B 297 -10.52 4.15 32.35
C GLY B 297 -10.12 2.74 31.98
N VAL B 298 -10.83 2.12 31.03
CA VAL B 298 -10.52 0.75 30.64
C VAL B 298 -10.14 0.64 29.17
N TYR B 299 -9.22 -0.28 28.88
CA TYR B 299 -8.78 -0.45 27.53
C TYR B 299 -9.79 -1.22 26.66
N GLN B 300 -9.79 -0.85 25.38
CA GLN B 300 -10.70 -1.42 24.42
C GLN B 300 -10.05 -1.30 23.05
N VAL B 301 -10.66 -1.94 22.05
CA VAL B 301 -10.21 -1.78 20.70
C VAL B 301 -11.51 -1.29 20.06
N VAL B 302 -11.48 -0.15 19.38
CA VAL B 302 -12.67 0.33 18.69
C VAL B 302 -12.45 -0.20 17.27
N GLU B 303 -13.28 -1.14 16.83
CA GLU B 303 -13.12 -1.75 15.51
C GLU B 303 -13.18 -0.72 14.38
N TYR B 304 -12.42 -0.95 13.31
CA TYR B 304 -12.41 0.02 12.21
C TYR B 304 -13.77 0.38 11.66
N SER B 305 -14.71 -0.56 11.71
CA SER B 305 -16.05 -0.32 11.18
C SER B 305 -17.00 0.34 12.16
N GLU B 306 -16.50 0.73 13.33
CA GLU B 306 -17.36 1.38 14.34
C GLU B 306 -16.81 2.77 14.74
N ILE B 307 -15.71 3.18 14.12
CA ILE B 307 -15.12 4.47 14.40
C ILE B 307 -15.62 5.54 13.42
N SER B 308 -15.79 6.76 13.90
CA SER B 308 -16.22 7.85 13.02
C SER B 308 -15.01 8.34 12.26
N LEU B 309 -15.23 9.00 11.11
CA LEU B 309 -14.12 9.54 10.33
C LEU B 309 -13.41 10.67 11.12
N ALA B 310 -14.16 11.51 11.80
CA ALA B 310 -13.57 12.62 12.57
C ALA B 310 -12.53 12.12 13.57
N THR B 311 -12.85 11.01 14.22
CA THR B 311 -11.95 10.41 15.19
C THR B 311 -10.77 9.76 14.54
N ALA B 312 -11.04 9.09 13.43
CA ALA B 312 -10.00 8.37 12.72
C ALA B 312 -8.95 9.28 12.12
N GLN B 313 -9.36 10.46 11.65
CA GLN B 313 -8.44 11.42 11.01
C GLN B 313 -7.75 12.36 11.98
N LYS B 314 -8.21 12.40 13.22
CA LYS B 314 -7.65 13.28 14.25
C LYS B 314 -6.15 13.12 14.43
N ARG B 315 -5.43 14.23 14.30
CA ARG B 315 -3.99 14.17 14.46
C ARG B 315 -3.48 14.80 15.77
N SER B 316 -2.35 14.33 16.26
CA SER B 316 -1.78 14.91 17.48
C SER B 316 -0.79 15.99 17.03
N SER B 317 -0.22 16.72 17.98
CA SER B 317 0.70 17.80 17.67
C SER B 317 1.98 17.37 16.96
N ASP B 318 2.37 16.12 17.13
CA ASP B 318 3.57 15.65 16.48
C ASP B 318 3.30 15.30 15.01
N GLY B 319 2.08 15.45 14.54
CA GLY B 319 1.78 15.13 13.14
C GLY B 319 1.22 13.72 12.88
N ARG B 320 1.34 12.83 13.87
CA ARG B 320 0.82 11.48 13.76
C ARG B 320 -0.66 11.50 14.07
N LEU B 321 -1.36 10.39 13.78
CA LEU B 321 -2.78 10.30 14.12
C LEU B 321 -2.84 10.10 15.63
N LEU B 322 -3.83 10.71 16.27
CA LEU B 322 -4.02 10.56 17.70
C LEU B 322 -4.30 9.08 18.04
N PHE B 323 -5.16 8.42 17.28
CA PHE B 323 -5.40 7.00 17.56
C PHE B 323 -4.63 6.20 16.51
N ASN B 324 -3.35 6.01 16.75
CA ASN B 324 -2.45 5.34 15.82
C ASN B 324 -2.00 3.96 16.22
N ALA B 325 -2.59 3.40 17.28
CA ALA B 325 -2.20 2.04 17.70
C ALA B 325 -3.08 1.02 16.97
N GLY B 326 -2.69 0.68 15.75
CA GLY B 326 -3.46 -0.26 14.95
C GLY B 326 -3.34 -1.73 15.38
N ASN B 327 -4.47 -2.29 15.80
CA ASN B 327 -4.53 -3.66 16.24
C ASN B 327 -4.19 -4.62 15.11
N ILE B 328 -3.23 -5.52 15.33
CA ILE B 328 -2.92 -6.48 14.28
C ILE B 328 -3.32 -7.87 14.75
N ALA B 329 -4.28 -7.92 15.67
CA ALA B 329 -4.84 -9.18 16.15
C ALA B 329 -3.81 -10.20 16.62
N ASN B 330 -2.89 -9.74 17.45
CA ASN B 330 -1.85 -10.57 18.03
C ASN B 330 -1.89 -10.20 19.50
N HIS B 331 -2.48 -11.09 20.32
CA HIS B 331 -2.65 -10.81 21.74
C HIS B 331 -1.91 -11.72 22.72
N PHE B 332 -1.69 -11.25 23.93
CA PHE B 332 -1.02 -12.02 24.99
C PHE B 332 -1.99 -12.17 26.16
N PHE B 333 -2.28 -13.39 26.57
CA PHE B 333 -3.18 -13.63 27.72
C PHE B 333 -2.53 -14.66 28.63
N THR B 334 -2.58 -14.43 29.95
CA THR B 334 -2.03 -15.43 30.88
C THR B 334 -3.12 -16.48 31.07
N VAL B 335 -2.74 -17.71 31.37
CA VAL B 335 -3.74 -18.77 31.58
C VAL B 335 -4.72 -18.37 32.69
N PRO B 336 -4.21 -17.81 33.81
CA PRO B 336 -5.11 -17.41 34.90
C PRO B 336 -6.14 -16.38 34.44
N PHE B 337 -5.71 -15.46 33.58
CA PHE B 337 -6.59 -14.43 33.08
C PHE B 337 -7.69 -15.03 32.23
N LEU B 338 -7.33 -15.96 31.36
CA LEU B 338 -8.30 -16.63 30.49
C LEU B 338 -9.34 -17.35 31.33
N ARG B 339 -8.88 -18.04 32.37
CA ARG B 339 -9.79 -18.77 33.25
C ARG B 339 -10.85 -17.83 33.79
N ASP B 340 -10.43 -16.70 34.33
CA ASP B 340 -11.39 -15.76 34.87
C ASP B 340 -12.39 -15.27 33.82
N VAL B 341 -11.96 -15.22 32.57
CA VAL B 341 -12.79 -14.78 31.47
C VAL B 341 -13.80 -15.85 31.08
N VAL B 342 -13.35 -17.10 31.00
CA VAL B 342 -14.23 -18.19 30.64
C VAL B 342 -15.24 -18.52 31.75
N ASN B 343 -14.84 -18.33 33.00
CA ASN B 343 -15.73 -18.64 34.11
C ASN B 343 -16.47 -17.46 34.75
N VAL B 344 -16.10 -16.23 34.41
CA VAL B 344 -16.75 -15.07 35.02
C VAL B 344 -17.14 -13.92 34.10
N TYR B 345 -16.19 -13.44 33.31
CA TYR B 345 -16.45 -12.31 32.43
C TYR B 345 -17.18 -12.59 31.14
N GLU B 346 -16.99 -13.76 30.58
CA GLU B 346 -17.62 -14.11 29.29
C GLU B 346 -19.03 -13.54 29.06
N PRO B 347 -19.96 -13.72 30.01
CA PRO B 347 -21.33 -13.21 29.87
C PRO B 347 -21.46 -11.71 29.58
N GLN B 348 -20.52 -10.91 30.09
CA GLN B 348 -20.59 -9.46 29.85
C GLN B 348 -20.24 -9.07 28.41
N LEU B 349 -19.63 -9.97 27.65
CA LEU B 349 -19.27 -9.66 26.27
C LEU B 349 -20.50 -9.36 25.42
N GLN B 350 -20.45 -8.28 24.65
CA GLN B 350 -21.57 -7.90 23.81
C GLN B 350 -21.45 -8.38 22.36
N HIS B 351 -22.56 -8.35 21.64
CA HIS B 351 -22.57 -8.79 20.25
C HIS B 351 -22.49 -7.58 19.32
N HIS B 352 -21.54 -7.61 18.40
CA HIS B 352 -21.40 -6.56 17.39
C HIS B 352 -22.30 -7.06 16.27
N VAL B 353 -22.96 -6.12 15.62
CA VAL B 353 -23.91 -6.46 14.58
C VAL B 353 -23.49 -5.94 13.23
N ALA B 354 -23.90 -6.65 12.19
CA ALA B 354 -23.62 -6.25 10.82
C ALA B 354 -24.77 -6.67 9.92
N GLN B 355 -25.25 -5.74 9.09
CA GLN B 355 -26.32 -6.05 8.14
C GLN B 355 -25.68 -6.94 7.08
N LYS B 356 -26.47 -7.84 6.50
CA LYS B 356 -25.95 -8.75 5.49
C LYS B 356 -27.00 -9.14 4.46
N LYS B 357 -26.52 -9.59 3.29
CA LYS B 357 -27.42 -10.04 2.23
C LYS B 357 -27.39 -11.56 2.32
N ILE B 358 -28.30 -12.12 3.12
CA ILE B 358 -28.36 -13.54 3.37
C ILE B 358 -29.26 -14.34 2.40
N PRO B 359 -28.67 -15.25 1.61
CA PRO B 359 -29.51 -16.02 0.68
C PRO B 359 -30.52 -16.83 1.51
N TYR B 360 -31.80 -16.80 1.11
CA TYR B 360 -32.84 -17.49 1.87
C TYR B 360 -33.88 -18.23 1.02
N VAL B 361 -34.82 -18.84 1.74
CA VAL B 361 -35.92 -19.59 1.15
C VAL B 361 -37.23 -19.06 1.69
N ASP B 362 -37.86 -18.15 0.94
CA ASP B 362 -39.13 -17.57 1.38
C ASP B 362 -40.30 -18.53 1.19
N THR B 363 -41.50 -17.98 1.17
CA THR B 363 -42.70 -18.78 0.97
C THR B 363 -42.74 -19.27 -0.47
N GLN B 364 -43.50 -20.34 -0.71
CA GLN B 364 -43.62 -20.93 -2.04
C GLN B 364 -42.31 -21.62 -2.43
N GLY B 365 -41.53 -22.02 -1.43
CA GLY B 365 -40.26 -22.69 -1.68
C GLY B 365 -39.37 -21.92 -2.64
N GLN B 366 -39.55 -20.61 -2.70
CA GLN B 366 -38.75 -19.77 -3.58
C GLN B 366 -37.40 -19.46 -2.93
N LEU B 367 -36.32 -19.79 -3.64
CA LEU B 367 -34.96 -19.54 -3.16
C LEU B 367 -34.38 -18.37 -3.96
N ILE B 368 -33.70 -17.46 -3.26
CA ILE B 368 -33.14 -16.28 -3.94
C ILE B 368 -31.97 -15.66 -3.19
N LYS B 369 -31.16 -14.91 -3.92
CA LYS B 369 -30.02 -14.19 -3.37
C LYS B 369 -30.47 -12.74 -3.24
N PRO B 370 -30.59 -12.24 -2.00
CA PRO B 370 -31.01 -10.86 -1.73
C PRO B 370 -30.24 -9.80 -2.53
N ASP B 371 -30.96 -8.78 -2.97
CA ASP B 371 -30.36 -7.69 -3.70
C ASP B 371 -30.22 -6.53 -2.73
N LYS B 372 -30.84 -6.68 -1.57
CA LYS B 372 -30.80 -5.67 -0.52
C LYS B 372 -30.56 -6.41 0.79
N PRO B 373 -29.83 -5.79 1.74
CA PRO B 373 -29.59 -6.47 3.02
C PRO B 373 -30.94 -6.98 3.54
N ASN B 374 -30.99 -8.24 3.98
CA ASN B 374 -32.25 -8.82 4.47
C ASN B 374 -32.19 -9.29 5.91
N GLY B 375 -31.07 -9.02 6.57
CA GLY B 375 -30.94 -9.43 7.95
C GLY B 375 -29.62 -8.98 8.54
N ILE B 376 -29.31 -9.51 9.72
CA ILE B 376 -28.06 -9.15 10.34
C ILE B 376 -27.37 -10.39 10.87
N LYS B 377 -26.09 -10.22 11.16
CA LYS B 377 -25.26 -11.29 11.70
C LYS B 377 -24.71 -10.74 13.01
N MET B 378 -24.53 -11.62 14.00
CA MET B 378 -24.02 -11.20 15.30
C MET B 378 -22.68 -11.84 15.56
N GLU B 379 -21.77 -11.07 16.16
CA GLU B 379 -20.43 -11.57 16.47
C GLU B 379 -19.87 -10.97 17.74
N LYS B 380 -19.11 -11.76 18.48
CA LYS B 380 -18.40 -11.29 19.65
C LYS B 380 -16.95 -11.13 19.13
N PHE B 381 -16.20 -10.16 19.66
CA PHE B 381 -14.81 -9.92 19.23
C PHE B 381 -13.85 -10.34 20.33
N VAL B 382 -12.78 -11.01 19.92
CA VAL B 382 -11.78 -11.55 20.83
C VAL B 382 -11.12 -10.50 21.76
N PHE B 383 -11.02 -9.26 21.30
CA PHE B 383 -10.37 -8.23 22.11
C PHE B 383 -11.34 -7.54 23.09
N ASP B 384 -12.61 -7.90 23.06
CA ASP B 384 -13.53 -7.26 24.01
C ASP B 384 -13.33 -7.69 25.48
N ILE B 385 -12.27 -8.47 25.75
CA ILE B 385 -11.98 -8.86 27.13
C ILE B 385 -10.85 -7.99 27.71
N PHE B 386 -10.19 -7.24 26.85
CA PHE B 386 -9.12 -6.33 27.29
C PHE B 386 -9.57 -5.50 28.49
N GLN B 387 -10.83 -5.09 28.47
CA GLN B 387 -11.39 -4.26 29.55
C GLN B 387 -11.40 -4.94 30.92
N PHE B 388 -11.17 -6.26 30.98
CA PHE B 388 -11.20 -6.97 32.26
C PHE B 388 -9.82 -7.25 32.84
N ALA B 389 -8.78 -6.92 32.08
CA ALA B 389 -7.43 -7.18 32.52
C ALA B 389 -6.97 -6.33 33.71
N LYS B 390 -6.07 -6.88 34.53
CA LYS B 390 -5.54 -6.12 35.66
C LYS B 390 -4.37 -5.25 35.22
N LYS B 391 -3.50 -5.80 34.38
CA LYS B 391 -2.36 -5.04 33.89
C LYS B 391 -2.29 -5.20 32.37
N PHE B 392 -2.81 -4.21 31.66
CA PHE B 392 -2.82 -4.22 30.20
C PHE B 392 -1.66 -3.44 29.58
N VAL B 393 -0.96 -4.05 28.62
CA VAL B 393 0.14 -3.33 27.95
C VAL B 393 -0.03 -3.40 26.42
N VAL B 394 0.68 -2.51 25.72
CA VAL B 394 0.64 -2.45 24.26
C VAL B 394 2.08 -2.50 23.74
N TYR B 395 2.32 -3.35 22.74
CA TYR B 395 3.65 -3.50 22.17
C TYR B 395 3.62 -3.11 20.68
N GLU B 396 4.29 -2.02 20.33
CA GLU B 396 4.33 -1.51 18.97
C GLU B 396 5.48 -2.02 18.11
N VAL B 397 5.15 -2.65 16.98
CA VAL B 397 6.19 -3.16 16.08
C VAL B 397 6.07 -2.52 14.67
N LEU B 398 7.03 -2.78 13.79
CA LEU B 398 7.02 -2.22 12.43
C LEU B 398 6.25 -3.13 11.52
N ARG B 399 5.37 -2.55 10.72
CA ARG B 399 4.57 -3.42 9.86
C ARG B 399 5.31 -4.19 8.79
N GLU B 400 6.42 -3.64 8.28
CA GLU B 400 7.17 -4.35 7.25
C GLU B 400 7.79 -5.63 7.84
N ASP B 401 7.97 -5.66 9.16
CA ASP B 401 8.51 -6.85 9.80
C ASP B 401 7.44 -7.83 10.30
N GLU B 402 6.23 -7.34 10.57
CA GLU B 402 5.26 -8.24 11.19
C GLU B 402 3.84 -8.25 10.76
N PHE B 403 3.47 -7.43 9.79
CA PHE B 403 2.07 -7.36 9.42
C PHE B 403 1.79 -7.04 7.96
N SER B 404 1.27 -8.04 7.27
CA SER B 404 0.89 -7.95 5.88
C SER B 404 -0.24 -8.99 5.76
N PRO B 405 -1.49 -8.59 6.07
CA PRO B 405 -2.68 -9.45 6.03
C PRO B 405 -3.19 -9.82 4.64
N LEU B 406 -3.88 -10.97 4.59
CA LEU B 406 -4.50 -11.49 3.38
C LEU B 406 -6.00 -11.41 3.67
N LYS B 407 -6.66 -10.45 3.02
CA LYS B 407 -8.07 -10.19 3.23
C LYS B 407 -8.87 -10.16 1.95
N ASN B 408 -8.22 -9.84 0.84
CA ASN B 408 -8.90 -9.69 -0.42
C ASN B 408 -8.28 -10.48 -1.55
N ALA B 409 -9.08 -10.79 -2.56
CA ALA B 409 -8.57 -11.48 -3.74
C ALA B 409 -7.87 -10.39 -4.56
N ASP B 410 -7.02 -10.78 -5.50
CA ASP B 410 -6.33 -9.79 -6.34
C ASP B 410 -7.30 -8.98 -7.17
N SER B 411 -8.41 -9.58 -7.55
CA SER B 411 -9.37 -8.89 -8.40
C SER B 411 -10.20 -7.86 -7.66
N GLN B 412 -10.02 -7.76 -6.35
CA GLN B 412 -10.81 -6.82 -5.57
C GLN B 412 -10.30 -5.37 -5.43
N ASN B 413 -10.30 -4.86 -4.21
CA ASN B 413 -9.91 -3.48 -3.95
C ASN B 413 -8.42 -3.09 -4.05
N GLY B 414 -7.55 -4.04 -4.39
CA GLY B 414 -6.16 -3.69 -4.58
C GLY B 414 -5.22 -3.65 -3.41
N LYS B 415 -5.61 -4.19 -2.26
CA LYS B 415 -4.74 -4.21 -1.07
C LYS B 415 -4.92 -5.50 -0.29
N ASP B 416 -3.92 -5.85 0.52
CA ASP B 416 -4.04 -7.03 1.38
C ASP B 416 -4.55 -8.25 0.61
N ASN B 417 -3.89 -8.54 -0.49
CA ASN B 417 -4.25 -9.63 -1.38
C ASN B 417 -3.05 -10.60 -1.50
N PRO B 418 -3.19 -11.71 -2.25
CA PRO B 418 -2.07 -12.65 -2.36
C PRO B 418 -0.78 -12.00 -2.85
N THR B 419 -0.91 -11.08 -3.77
CA THR B 419 0.26 -10.41 -4.32
C THR B 419 1.04 -9.59 -3.29
N THR B 420 0.34 -8.77 -2.49
CA THR B 420 1.08 -7.96 -1.52
C THR B 420 1.63 -8.86 -0.41
N ALA B 421 0.91 -9.93 -0.09
CA ALA B 421 1.37 -10.83 0.93
C ALA B 421 2.71 -11.43 0.48
N ARG B 422 2.75 -12.04 -0.70
CA ARG B 422 4.04 -12.61 -1.07
C ARG B 422 5.17 -11.60 -1.26
N HIS B 423 4.87 -10.40 -1.74
CA HIS B 423 5.91 -9.39 -1.92
C HIS B 423 6.41 -8.84 -0.60
N ALA B 424 5.53 -8.73 0.40
CA ALA B 424 5.98 -8.25 1.70
C ALA B 424 6.94 -9.27 2.34
N LEU B 425 6.66 -10.56 2.20
CA LEU B 425 7.57 -11.56 2.78
C LEU B 425 8.89 -11.56 2.02
N MET B 426 8.84 -11.58 0.70
CA MET B 426 10.07 -11.60 -0.08
C MET B 426 10.91 -10.35 0.09
N SER B 427 10.26 -9.20 0.31
CA SER B 427 11.02 -7.96 0.53
C SER B 427 11.71 -8.02 1.88
N LEU B 428 11.03 -8.56 2.88
CA LEU B 428 11.62 -8.69 4.23
C LEU B 428 12.81 -9.66 4.22
N HIS B 429 12.66 -10.80 3.56
CA HIS B 429 13.76 -11.77 3.54
C HIS B 429 14.92 -11.18 2.73
N HIS B 430 14.59 -10.46 1.65
CA HIS B 430 15.61 -9.80 0.85
C HIS B 430 16.39 -8.87 1.79
N CYS B 431 15.69 -8.15 2.66
CA CYS B 431 16.36 -7.25 3.58
C CYS B 431 17.25 -7.99 4.62
N TRP B 432 16.78 -9.16 5.08
CA TRP B 432 17.52 -9.97 6.05
C TRP B 432 18.87 -10.29 5.48
N VAL B 433 18.90 -10.69 4.21
CA VAL B 433 20.15 -11.04 3.55
C VAL B 433 21.10 -9.87 3.56
N LEU B 434 20.64 -8.70 3.11
CA LEU B 434 21.52 -7.52 3.10
C LEU B 434 22.01 -7.15 4.49
N ASN B 435 21.12 -7.15 5.46
CA ASN B 435 21.50 -6.78 6.83
C ASN B 435 22.45 -7.82 7.45
N ALA B 436 22.55 -9.00 6.83
CA ALA B 436 23.45 -10.04 7.35
C ALA B 436 24.77 -10.02 6.56
N GLY B 437 24.92 -9.01 5.70
CA GLY B 437 26.13 -8.86 4.90
C GLY B 437 26.10 -9.53 3.53
N GLY B 438 24.94 -10.04 3.13
CA GLY B 438 24.83 -10.68 1.82
C GLY B 438 24.60 -9.67 0.70
N HIS B 439 24.64 -10.13 -0.54
CA HIS B 439 24.46 -9.22 -1.66
C HIS B 439 23.71 -9.88 -2.81
N PHE B 440 23.02 -9.08 -3.61
CA PHE B 440 22.33 -9.62 -4.77
C PHE B 440 23.01 -9.03 -5.99
N ILE B 441 23.07 -9.82 -7.06
CA ILE B 441 23.73 -9.43 -8.29
C ILE B 441 22.92 -9.82 -9.53
N ASP B 442 23.12 -9.06 -10.61
CA ASP B 442 22.41 -9.37 -11.86
C ASP B 442 23.19 -10.44 -12.61
N GLU B 443 22.71 -10.81 -13.78
CA GLU B 443 23.35 -11.86 -14.59
C GLU B 443 24.85 -11.64 -14.93
N ASN B 444 25.29 -10.39 -14.95
CA ASN B 444 26.68 -10.11 -15.26
C ASN B 444 27.52 -10.10 -14.00
N GLY B 445 26.86 -10.18 -12.85
CA GLY B 445 27.58 -10.18 -11.60
C GLY B 445 27.67 -8.79 -11.03
N SER B 446 26.89 -7.85 -11.52
CA SER B 446 26.94 -6.49 -10.94
C SER B 446 25.96 -6.49 -9.76
N ARG B 447 26.33 -5.80 -8.68
CA ARG B 447 25.48 -5.74 -7.52
C ARG B 447 24.26 -4.84 -7.69
N LEU B 448 23.11 -5.38 -7.30
CA LEU B 448 21.87 -4.67 -7.40
C LEU B 448 21.68 -3.78 -6.19
N PRO B 449 20.94 -2.68 -6.34
CA PRO B 449 20.70 -1.75 -5.24
C PRO B 449 19.68 -2.37 -4.30
N ALA B 450 19.51 -1.76 -3.14
CA ALA B 450 18.54 -2.21 -2.15
C ALA B 450 17.11 -1.97 -2.68
N ILE B 451 16.92 -0.90 -3.47
CA ILE B 451 15.60 -0.59 -4.03
C ILE B 451 15.72 -0.54 -5.56
N PRO B 452 15.27 -1.61 -6.21
CA PRO B 452 15.34 -1.72 -7.67
C PRO B 452 14.54 -0.71 -8.48
N ARG B 453 15.00 -0.38 -9.68
CA ARG B 453 14.23 0.51 -10.53
C ARG B 453 13.41 -0.43 -11.39
N LEU B 454 12.09 -0.42 -11.20
CA LEU B 454 11.18 -1.29 -11.95
C LEU B 454 10.59 -0.42 -13.07
N LYS B 455 11.28 -0.39 -14.20
CA LYS B 455 10.86 0.44 -15.31
C LYS B 455 10.35 -0.28 -16.54
N ASP B 456 10.78 -1.51 -16.73
CA ASP B 456 10.37 -2.31 -17.88
C ASP B 456 9.32 -3.36 -17.51
N ALA B 457 8.58 -3.80 -18.52
CA ALA B 457 7.54 -4.81 -18.37
C ALA B 457 8.02 -6.06 -17.64
N ASN B 458 9.25 -6.49 -17.91
CA ASN B 458 9.78 -7.69 -17.26
C ASN B 458 10.51 -7.47 -15.94
N ASP B 459 10.69 -6.22 -15.53
CA ASP B 459 11.40 -5.95 -14.27
C ASP B 459 10.58 -6.43 -13.08
N VAL B 460 11.23 -7.11 -12.16
CA VAL B 460 10.56 -7.60 -10.98
C VAL B 460 11.43 -7.37 -9.78
N PRO B 461 10.82 -7.33 -8.58
CA PRO B 461 11.66 -7.11 -7.40
C PRO B 461 12.48 -8.35 -7.12
N ILE B 462 13.49 -8.21 -6.28
CA ILE B 462 14.35 -9.34 -5.90
C ILE B 462 13.52 -10.36 -5.13
N GLN B 463 13.41 -11.56 -5.67
CA GLN B 463 12.65 -12.63 -5.03
C GLN B 463 13.55 -13.38 -4.04
N CYS B 464 13.15 -13.45 -2.79
CA CYS B 464 13.96 -14.14 -1.81
C CYS B 464 13.07 -14.73 -0.73
N GLU B 465 13.34 -15.97 -0.36
CA GLU B 465 12.56 -16.62 0.65
C GLU B 465 13.48 -17.41 1.59
N ILE B 466 13.29 -17.20 2.88
CA ILE B 466 14.09 -17.89 3.86
C ILE B 466 13.15 -18.66 4.77
N SER B 467 13.34 -19.97 4.83
CA SER B 467 12.52 -20.83 5.68
C SER B 467 12.69 -20.47 7.14
N PRO B 468 11.59 -20.53 7.90
CA PRO B 468 11.65 -20.22 9.33
C PRO B 468 12.62 -21.18 10.07
N LEU B 469 12.75 -22.40 9.58
CA LEU B 469 13.67 -23.35 10.20
C LEU B 469 15.09 -22.78 10.20
N ILE B 470 15.38 -21.93 9.22
CA ILE B 470 16.71 -21.31 9.13
C ILE B 470 16.78 -20.03 9.93
N SER B 471 15.82 -19.11 9.72
CA SER B 471 15.79 -17.83 10.44
C SER B 471 14.36 -17.47 10.85
N TYR B 472 14.21 -17.11 12.12
CA TYR B 472 12.91 -16.78 12.65
C TYR B 472 12.61 -15.31 12.34
N ALA B 473 13.58 -14.44 12.59
CA ALA B 473 13.44 -12.99 12.37
C ALA B 473 14.69 -12.34 11.80
N GLY B 474 15.41 -13.03 10.95
CA GLY B 474 16.61 -12.45 10.37
C GLY B 474 17.95 -12.82 11.00
N GLU B 475 17.93 -13.56 12.11
CA GLU B 475 19.17 -13.98 12.77
C GLU B 475 19.71 -15.28 12.21
N GLY B 476 20.96 -15.58 12.55
CA GLY B 476 21.61 -16.81 12.12
C GLY B 476 21.81 -17.01 10.64
N LEU B 477 22.01 -15.91 9.91
CA LEU B 477 22.20 -15.98 8.46
C LEU B 477 23.64 -15.72 8.03
N GLU B 478 24.43 -15.12 8.91
CA GLU B 478 25.83 -14.78 8.59
C GLU B 478 26.63 -15.87 7.87
N SER B 479 26.53 -17.11 8.35
CA SER B 479 27.28 -18.21 7.76
C SER B 479 26.72 -18.57 6.39
N TYR B 480 25.47 -18.21 6.16
CA TYR B 480 24.84 -18.49 4.87
C TYR B 480 25.05 -17.43 3.79
N VAL B 481 25.20 -16.17 4.16
CA VAL B 481 25.31 -15.12 3.13
C VAL B 481 26.35 -14.04 3.34
N ALA B 482 26.90 -13.91 4.54
CA ALA B 482 27.86 -12.86 4.79
C ALA B 482 28.94 -12.85 3.70
N ASP B 483 29.16 -11.66 3.13
CA ASP B 483 30.15 -11.49 2.08
C ASP B 483 29.93 -12.39 0.87
N LYS B 484 28.68 -12.72 0.59
CA LYS B 484 28.41 -13.56 -0.57
C LYS B 484 27.42 -12.88 -1.52
N GLU B 485 27.43 -13.30 -2.78
CA GLU B 485 26.55 -12.73 -3.80
C GLU B 485 25.63 -13.79 -4.36
N PHE B 486 24.36 -13.46 -4.51
CA PHE B 486 23.40 -14.42 -5.03
C PHE B 486 22.60 -13.88 -6.21
N HIS B 487 22.08 -14.83 -7.00
CA HIS B 487 21.23 -14.59 -8.17
C HIS B 487 19.80 -14.94 -7.78
N ALA B 488 18.93 -13.93 -7.66
CA ALA B 488 17.53 -14.15 -7.29
C ALA B 488 16.81 -14.76 -8.49
N PRO B 489 15.77 -15.59 -8.25
CA PRO B 489 15.18 -16.01 -6.99
C PRO B 489 16.12 -16.76 -6.08
N LEU B 490 16.13 -16.39 -4.80
CA LEU B 490 17.01 -17.04 -3.84
C LEU B 490 16.22 -17.68 -2.71
N ILE B 491 16.41 -18.98 -2.51
CA ILE B 491 15.74 -19.70 -1.44
C ILE B 491 16.75 -20.33 -0.49
N ILE B 492 16.61 -20.04 0.81
CA ILE B 492 17.50 -20.61 1.81
C ILE B 492 16.69 -21.44 2.79
N ASP B 493 16.91 -22.74 2.79
CA ASP B 493 16.16 -23.63 3.68
C ASP B 493 17.01 -24.68 4.36
N GLU B 494 16.37 -25.73 4.84
CA GLU B 494 17.09 -26.80 5.52
C GLU B 494 17.95 -27.58 4.54
N ASN B 495 17.64 -27.46 3.25
CA ASN B 495 18.42 -28.14 2.22
C ASN B 495 19.51 -27.25 1.63
N GLY B 496 19.86 -26.17 2.36
CA GLY B 496 20.90 -25.26 1.91
C GLY B 496 20.40 -24.05 1.13
N VAL B 497 21.26 -23.55 0.23
CA VAL B 497 20.95 -22.38 -0.59
C VAL B 497 20.56 -22.80 -2.00
N HIS B 498 19.51 -22.19 -2.54
CA HIS B 498 19.09 -22.52 -3.89
C HIS B 498 18.81 -21.27 -4.73
N GLU B 499 19.47 -21.16 -5.88
CA GLU B 499 19.25 -20.04 -6.81
C GLU B 499 18.44 -20.54 -8.01
N LEU B 500 17.15 -20.26 -8.01
CA LEU B 500 16.24 -20.68 -9.06
C LEU B 500 16.43 -19.89 -10.36
C1' UD2 C . 10.12 9.76 -9.79
C2' UD2 C . 11.15 10.54 -8.86
C3' UD2 C . 11.23 9.78 -7.47
C4' UD2 C . 9.80 10.10 -6.96
C5' UD2 C . 8.87 9.12 -7.74
C6' UD2 C . 7.45 9.32 -7.19
C7' UD2 C . 12.59 11.42 -10.61
C8' UD2 C . 13.86 11.36 -11.37
N2' UD2 C . 12.42 10.53 -9.62
O1' UD2 C . 10.79 8.48 -10.01
O3' UD2 C . 12.20 10.52 -6.73
O4' UD2 C . 9.44 11.35 -6.61
O5' UD2 C . 8.83 9.67 -9.11
O6' UD2 C . 6.53 8.43 -7.78
O7' UD2 C . 11.73 12.26 -10.92
N1 UD2 C . 9.87 11.58 -17.45
C2 UD2 C . 10.03 12.39 -18.59
N3 UD2 C . 11.10 12.13 -19.37
C4 UD2 C . 11.99 11.13 -19.18
C5 UD2 C . 11.84 10.25 -18.01
C6 UD2 C . 10.80 10.47 -17.17
O2 UD2 C . 9.31 13.32 -18.89
O4 UD2 C . 12.92 10.99 -19.95
C1B UD2 C . 8.73 11.86 -16.58
C2B UD2 C . 7.58 10.81 -16.53
O2' UD2 C . 6.70 11.08 -17.63
C3B UD2 C . 6.96 11.06 -15.12
C4B UD2 C . 8.18 11.60 -14.30
O4B UD2 C . 9.17 12.04 -15.24
O3B UD2 C . 6.02 12.13 -15.21
C5B UD2 C . 8.88 10.54 -13.43
O5B UD2 C . 9.53 9.52 -14.19
PA UD2 C . 10.50 8.48 -13.53
O1A UD2 C . 11.83 9.17 -13.38
O2A UD2 C . 10.58 7.32 -14.45
O3A UD2 C . 9.84 8.07 -12.25
PB UD2 C . 10.28 7.37 -10.99
O1B UD2 C . 11.39 6.39 -11.25
O2B UD2 C . 9.13 6.74 -10.32
C1' UD2 D . -9.39 -8.20 12.43
C2' UD2 D . -9.41 -7.28 13.70
C3' UD2 D . -9.16 -5.81 13.24
C4' UD2 D . -7.71 -5.90 12.69
C5' UD2 D . -7.92 -6.63 11.30
C6' UD2 D . -6.61 -6.65 10.47
C7' UD2 D . -10.99 -8.54 15.10
C8' UD2 D . -12.34 -8.66 15.67
N2' UD2 D . -10.76 -7.48 14.33
O1' UD2 D . -10.52 -7.73 11.67
O3' UD2 D . -9.21 -5.09 14.47
O4' UD2 D . -6.64 -6.11 13.46
O5' UD2 D . -8.18 -8.03 11.66
O6' UD2 D . -5.73 -7.64 10.86
O7' UD2 D . -10.15 -9.39 15.37
N1 UD2 D . -12.26 -15.56 13.00
C2 UD2 D . -12.69 -16.72 13.67
N3 UD2 D . -14.00 -16.85 13.89
C4 UD2 D . -14.95 -15.99 13.48
C5 UD2 D . -14.54 -14.76 12.76
C6 UD2 D . -13.23 -14.55 12.52
O2 UD2 D . -11.95 -17.61 14.12
O4 UD2 D . -16.12 -16.22 13.75
C1B UD2 D . -10.83 -15.37 12.78
C2B UD2 D . -10.34 -15.36 11.34
O2' UD2 D . -10.12 -16.73 10.95
C3B UD2 D . -9.06 -14.46 11.45
C4B UD2 D . -9.39 -13.54 12.65
O4B UD2 D . -10.44 -14.14 13.38
O3B UD2 D . -7.95 -15.23 11.83
C5B UD2 D . -9.90 -12.13 12.24
O5B UD2 D . -11.05 -12.18 11.41
PA UD2 D . -11.92 -10.95 11.10
O1A UD2 D . -12.64 -10.58 12.39
O2A UD2 D . -12.86 -11.33 10.04
O3A UD2 D . -10.97 -9.91 10.60
PB UD2 D . -11.05 -8.42 10.36
O1B UD2 D . -12.44 -7.92 10.14
O2B UD2 D . -10.14 -8.06 9.27
#